data_8ARN
#
_entry.id   8ARN
#
_cell.length_a   101.520
_cell.length_b   65.890
_cell.length_c   153.290
_cell.angle_alpha   90.000
_cell.angle_beta   100.970
_cell.angle_gamma   90.000
#
_symmetry.space_group_name_H-M   'C 1 2 1'
#
loop_
_entity.id
_entity.type
_entity.pdbx_description
1 polymer 'Oligopeptide-binding protein OppA'
2 polymer 'Endogenous tetrapeptide (SER-ASN-SER-SER)'
3 water water
#
loop_
_entity_poly.entity_id
_entity_poly.type
_entity_poly.pdbx_seq_one_letter_code
_entity_poly.pdbx_strand_id
1 'polypeptide(L)'
;CGFGGSGSNGEGKKDSKGKTTLNINIKTEPFSLHPGLANDSVSGGVIRQTFEGLTRINADGEPEEGMASKIETSKDGKTY
TFTIRDGVKWSNGDPVTAQDFEYAWKWALDPNNESQYAYQLYYIKGAEAANTGKGSLDDVAVKAVNDKTLKVELNNPTPY
FTELTAFYTYMPINKKIAEKNKKWNTNAGDDYVSNGPFKMTAWKHSGSITLEKNDQYWDKDKVKLKKIDMVMINNNNTEL
KKFQAGELDWAGMPLGQLPTESLPTLKKDGSLHVEPIAGVYWYKFNTEAKPLDNVNIRKALTYSLDRQSIVKNVTQGEQI
PAMAAVPPTMKGFEDNKEGYFKDNDVKTAKEYLEKGLKEMGLSKASDLPKIKLSYNTDDAHAKIAQAVQEMWKKNLGVDV
ELDNSEWNVYIDKLHSQDYQIGRMGWLGDFNDPINFLELFRDKNGGNNDTGWENPEFKKLLNQSQTETDKTKRAELLKKA
EGIFIDEMPVAPIYFYTDTWVQDENLKGVIMPGTGEVYFRNAYFK
;
A,B
2 'polypeptide(L)' SNSS C,D
#
# COMPACT_ATOMS: atom_id res chain seq x y z
N LYS A 17 -42.46 19.22 -5.43
CA LYS A 17 -43.47 18.15 -5.69
C LYS A 17 -43.12 16.94 -4.83
N GLY A 18 -41.91 16.35 -5.00
CA GLY A 18 -41.55 15.13 -4.28
C GLY A 18 -41.56 15.34 -2.76
N LYS A 19 -42.18 14.42 -2.00
CA LYS A 19 -42.21 14.57 -0.55
C LYS A 19 -40.82 14.31 0.03
N THR A 20 -40.62 14.68 1.30
CA THR A 20 -39.30 14.66 1.94
C THR A 20 -39.27 13.78 3.19
N THR A 21 -40.36 13.05 3.45
CA THR A 21 -40.36 12.08 4.54
C THR A 21 -40.40 10.69 3.94
N LEU A 22 -39.53 9.80 4.42
CA LEU A 22 -39.48 8.42 3.96
C LEU A 22 -39.99 7.54 5.09
N ASN A 23 -40.97 6.68 4.79
CA ASN A 23 -41.60 5.83 5.78
C ASN A 23 -41.26 4.38 5.46
N ILE A 24 -40.56 3.72 6.40
CA ILE A 24 -40.05 2.37 6.16
C ILE A 24 -40.17 1.54 7.44
N ASN A 25 -40.08 0.22 7.29
CA ASN A 25 -40.13 -0.71 8.40
C ASN A 25 -38.75 -1.30 8.66
N ILE A 26 -38.35 -1.36 9.94
CA ILE A 26 -37.14 -2.10 10.31
C ILE A 26 -37.40 -3.32 11.20
N LYS A 27 -38.69 -3.63 11.43
CA LYS A 27 -39.23 -4.92 11.92
C LYS A 27 -39.12 -5.09 13.44
N THR A 28 -38.00 -4.67 14.05
CA THR A 28 -37.72 -5.07 15.42
C THR A 28 -36.70 -4.11 16.03
N GLU A 29 -36.56 -4.18 17.36
CA GLU A 29 -35.61 -3.35 18.06
C GLU A 29 -34.19 -3.79 17.66
N PRO A 30 -33.33 -2.79 17.36
CA PRO A 30 -31.94 -3.13 17.08
C PRO A 30 -31.22 -3.79 18.25
N PHE A 31 -30.19 -4.57 17.95
CA PHE A 31 -29.36 -5.17 18.97
C PHE A 31 -28.56 -4.08 19.69
N SER A 32 -28.00 -3.10 18.95
CA SER A 32 -27.28 -1.99 19.59
C SER A 32 -27.16 -0.83 18.61
N LEU A 33 -27.38 0.41 19.10
CA LEU A 33 -27.06 1.60 18.31
C LEU A 33 -25.74 2.23 18.76
N HIS A 34 -24.91 1.45 19.45
CA HIS A 34 -23.50 1.76 19.55
C HIS A 34 -22.81 1.11 18.34
N PRO A 35 -22.16 1.90 17.47
CA PRO A 35 -21.49 1.30 16.31
C PRO A 35 -20.46 0.23 16.65
N GLY A 36 -19.84 0.32 17.84
CA GLY A 36 -18.84 -0.63 18.32
C GLY A 36 -19.41 -1.96 18.82
N LEU A 37 -20.76 -2.06 18.97
CA LEU A 37 -21.42 -3.25 19.45
C LEU A 37 -22.35 -3.85 18.40
N ALA A 38 -22.90 -3.01 17.51
CA ALA A 38 -23.82 -3.52 16.49
C ALA A 38 -23.18 -4.66 15.73
N ASN A 39 -23.96 -5.71 15.42
CA ASN A 39 -23.42 -6.80 14.64
C ASN A 39 -24.45 -7.32 13.65
N ASP A 40 -25.49 -6.55 13.40
CA ASP A 40 -26.67 -7.11 12.77
C ASP A 40 -27.28 -6.13 11.80
N SER A 41 -28.16 -6.62 10.95
CA SER A 41 -28.74 -5.84 9.86
C SER A 41 -29.71 -4.78 10.36
N VAL A 42 -30.35 -5.01 11.53
CA VAL A 42 -31.34 -4.07 12.04
C VAL A 42 -30.60 -2.83 12.55
N SER A 43 -29.67 -3.06 13.48
CA SER A 43 -28.80 -2.00 13.98
C SER A 43 -28.12 -1.29 12.81
N GLY A 44 -27.51 -2.10 11.94
CA GLY A 44 -26.80 -1.54 10.81
C GLY A 44 -27.66 -0.68 9.89
N GLY A 45 -28.94 -1.03 9.72
CA GLY A 45 -29.86 -0.24 8.93
C GLY A 45 -30.00 1.18 9.47
N VAL A 46 -29.90 1.32 10.80
CA VAL A 46 -30.00 2.63 11.41
C VAL A 46 -28.66 3.35 11.33
N ILE A 47 -27.59 2.67 11.81
CA ILE A 47 -26.28 3.28 11.94
C ILE A 47 -25.75 3.70 10.56
N ARG A 48 -26.13 3.00 9.49
CA ARG A 48 -25.65 3.40 8.18
C ARG A 48 -26.28 4.70 7.68
N GLN A 49 -27.36 5.19 8.34
CA GLN A 49 -27.93 6.49 8.01
C GLN A 49 -27.35 7.57 8.93
N THR A 50 -26.98 7.22 10.17
CA THR A 50 -26.68 8.21 11.21
C THR A 50 -25.19 8.44 11.46
N PHE A 51 -24.32 7.50 11.09
CA PHE A 51 -22.88 7.67 11.25
C PHE A 51 -22.16 7.55 9.91
N GLU A 52 -20.96 8.15 9.87
CA GLU A 52 -20.11 8.04 8.70
C GLU A 52 -18.66 7.83 9.16
N GLY A 53 -17.98 6.94 8.46
CA GLY A 53 -16.58 6.62 8.73
C GLY A 53 -15.64 7.52 7.95
N LEU A 54 -14.37 7.13 8.06
CA LEU A 54 -13.29 7.78 7.30
C LEU A 54 -13.68 7.74 5.82
N THR A 55 -14.19 6.60 5.37
CA THR A 55 -14.77 6.44 4.04
C THR A 55 -16.26 6.12 4.10
N ARG A 56 -16.94 6.38 2.98
CA ARG A 56 -18.36 6.04 2.80
C ARG A 56 -18.49 5.34 1.44
N ILE A 57 -19.69 4.78 1.16
CA ILE A 57 -19.90 4.02 -0.07
C ILE A 57 -20.64 4.90 -1.08
N ASN A 58 -20.14 4.98 -2.30
N ASN A 58 -20.07 4.94 -2.31
CA ASN A 58 -20.84 5.83 -3.23
CA ASN A 58 -20.57 5.68 -3.48
C ASN A 58 -21.78 4.94 -4.03
C ASN A 58 -21.75 4.92 -4.06
N ALA A 59 -22.52 5.60 -4.92
CA ALA A 59 -23.58 4.96 -5.68
C ALA A 59 -23.05 3.82 -6.55
N ASP A 60 -21.76 3.86 -6.90
CA ASP A 60 -21.17 2.79 -7.70
C ASP A 60 -20.76 1.59 -6.83
N GLY A 61 -21.04 1.65 -5.52
CA GLY A 61 -20.74 0.54 -4.63
C GLY A 61 -19.30 0.50 -4.13
N GLU A 62 -18.52 1.54 -4.42
CA GLU A 62 -17.12 1.61 -4.04
C GLU A 62 -16.91 2.61 -2.89
N PRO A 63 -15.84 2.47 -2.09
CA PRO A 63 -15.53 3.41 -1.03
C PRO A 63 -15.04 4.73 -1.63
N GLU A 64 -15.36 5.81 -0.92
CA GLU A 64 -14.87 7.13 -1.28
C GLU A 64 -14.69 7.90 0.02
N GLU A 65 -14.07 9.06 -0.13
CA GLU A 65 -13.78 9.91 1.02
C GLU A 65 -15.07 10.25 1.76
N GLY A 66 -15.03 10.09 3.08
CA GLY A 66 -16.11 10.52 3.94
C GLY A 66 -15.62 11.52 4.97
N MET A 67 -15.34 11.08 6.19
CA MET A 67 -14.80 11.96 7.21
C MET A 67 -13.35 12.31 6.91
N ALA A 68 -12.69 11.45 6.14
CA ALA A 68 -11.33 11.71 5.66
C ALA A 68 -11.40 12.30 4.26
N SER A 69 -10.78 13.48 4.12
CA SER A 69 -10.72 14.14 2.84
C SER A 69 -9.53 13.65 2.02
N LYS A 70 -8.51 13.09 2.71
CA LYS A 70 -7.41 12.45 2.00
C LYS A 70 -7.01 11.14 2.69
N ILE A 71 -6.69 10.14 1.86
CA ILE A 71 -6.23 8.84 2.36
C ILE A 71 -4.91 8.54 1.66
N GLU A 72 -3.83 8.43 2.45
CA GLU A 72 -2.53 8.12 1.90
C GLU A 72 -2.18 6.70 2.31
N THR A 73 -1.53 5.98 1.39
CA THR A 73 -1.08 4.63 1.67
C THR A 73 0.44 4.58 1.43
N SER A 74 1.15 4.00 2.38
CA SER A 74 2.58 3.74 2.21
C SER A 74 2.84 2.82 1.02
N LYS A 75 4.11 2.81 0.57
CA LYS A 75 4.45 2.04 -0.61
C LYS A 75 4.20 0.54 -0.39
N ASP A 76 4.42 0.08 0.85
CA ASP A 76 4.23 -1.32 1.18
C ASP A 76 2.76 -1.63 1.48
N GLY A 77 1.88 -0.63 1.47
CA GLY A 77 0.45 -0.92 1.60
C GLY A 77 0.01 -1.14 3.06
N LYS A 78 0.89 -0.97 4.02
CA LYS A 78 0.55 -1.28 5.40
C LYS A 78 0.16 -0.06 6.24
N THR A 79 0.66 1.13 5.91
CA THR A 79 0.41 2.29 6.76
C THR A 79 -0.49 3.27 6.03
N TYR A 80 -1.60 3.58 6.70
CA TYR A 80 -2.60 4.48 6.16
C TYR A 80 -2.54 5.77 6.96
N THR A 81 -2.55 6.90 6.24
CA THR A 81 -2.62 8.21 6.87
C THR A 81 -3.88 8.88 6.39
N PHE A 82 -4.82 9.08 7.32
CA PHE A 82 -6.07 9.74 6.99
C PHE A 82 -5.99 11.21 7.39
N THR A 83 -6.31 12.11 6.46
CA THR A 83 -6.47 13.51 6.81
C THR A 83 -7.97 13.73 7.02
N ILE A 84 -8.32 14.17 8.23
CA ILE A 84 -9.71 14.48 8.58
C ILE A 84 -10.14 15.75 7.83
N ARG A 85 -11.33 15.69 7.20
CA ARG A 85 -11.88 16.74 6.36
C ARG A 85 -12.05 18.03 7.17
N ASP A 86 -11.66 19.19 6.60
CA ASP A 86 -11.86 20.43 7.34
C ASP A 86 -13.34 20.64 7.68
N GLY A 87 -13.62 21.02 8.93
CA GLY A 87 -14.95 21.49 9.34
C GLY A 87 -15.98 20.38 9.59
N VAL A 88 -15.58 19.10 9.58
CA VAL A 88 -16.55 18.05 9.87
C VAL A 88 -16.93 18.14 11.34
N LYS A 89 -18.25 18.00 11.57
CA LYS A 89 -18.85 18.14 12.87
C LYS A 89 -19.77 16.96 13.22
N TRP A 90 -19.96 16.78 14.52
CA TRP A 90 -21.02 15.98 15.10
C TRP A 90 -22.34 16.75 15.00
N SER A 91 -23.46 16.04 15.26
CA SER A 91 -24.79 16.62 15.17
C SER A 91 -25.03 17.71 16.24
N ASN A 92 -24.25 17.72 17.32
CA ASN A 92 -24.32 18.78 18.33
C ASN A 92 -23.41 19.97 17.98
N GLY A 93 -22.74 19.93 16.82
CA GLY A 93 -21.84 21.00 16.37
C GLY A 93 -20.36 20.86 16.79
N ASP A 94 -20.00 19.95 17.71
CA ASP A 94 -18.60 19.72 18.02
C ASP A 94 -17.84 19.18 16.81
N PRO A 95 -16.53 19.49 16.65
CA PRO A 95 -15.74 18.88 15.60
C PRO A 95 -15.57 17.36 15.79
N VAL A 96 -15.60 16.67 14.65
CA VAL A 96 -15.13 15.31 14.57
C VAL A 96 -13.61 15.38 14.43
N THR A 97 -12.92 14.70 15.33
CA THR A 97 -11.48 14.69 15.34
C THR A 97 -10.96 13.26 15.15
N ALA A 98 -9.68 13.17 14.87
CA ALA A 98 -9.02 11.87 14.80
C ALA A 98 -9.07 11.14 16.15
N GLN A 99 -9.11 11.87 17.28
CA GLN A 99 -9.18 11.22 18.58
C GLN A 99 -10.51 10.45 18.75
N ASP A 100 -11.60 10.92 18.11
CA ASP A 100 -12.88 10.21 18.13
C ASP A 100 -12.75 8.82 17.49
N PHE A 101 -11.97 8.70 16.40
CA PHE A 101 -11.73 7.42 15.77
C PHE A 101 -10.85 6.52 16.64
N GLU A 102 -9.68 7.03 17.08
CA GLU A 102 -8.82 6.28 17.95
C GLU A 102 -9.64 5.69 19.09
N TYR A 103 -10.44 6.54 19.75
CA TYR A 103 -11.20 6.19 20.93
C TYR A 103 -12.20 5.06 20.62
N ALA A 104 -12.88 5.24 19.51
CA ALA A 104 -13.92 4.29 19.11
C ALA A 104 -13.31 2.91 18.82
N TRP A 105 -12.22 2.88 18.04
CA TRP A 105 -11.64 1.60 17.67
C TRP A 105 -11.06 0.89 18.88
N LYS A 106 -10.34 1.64 19.73
CA LYS A 106 -9.83 1.04 20.96
C LYS A 106 -10.97 0.59 21.86
N TRP A 107 -12.10 1.33 21.88
CA TRP A 107 -13.27 0.94 22.67
C TRP A 107 -13.75 -0.45 22.21
N ALA A 108 -13.88 -0.64 20.90
CA ALA A 108 -14.36 -1.91 20.37
C ALA A 108 -13.38 -3.08 20.64
N LEU A 109 -12.07 -2.80 20.76
CA LEU A 109 -11.08 -3.83 21.02
C LEU A 109 -10.91 -4.16 22.50
N ASP A 110 -11.35 -3.26 23.38
CA ASP A 110 -11.26 -3.46 24.83
C ASP A 110 -12.15 -4.63 25.22
N PRO A 111 -11.56 -5.75 25.68
CA PRO A 111 -12.35 -6.94 25.98
C PRO A 111 -13.48 -6.70 26.98
N ASN A 112 -13.31 -5.71 27.86
CA ASN A 112 -14.32 -5.38 28.85
C ASN A 112 -15.64 -4.96 28.19
N ASN A 113 -15.61 -4.48 26.94
CA ASN A 113 -16.80 -3.97 26.27
C ASN A 113 -17.52 -5.05 25.46
N GLU A 114 -16.89 -6.19 25.26
CA GLU A 114 -17.56 -7.42 24.82
C GLU A 114 -18.19 -7.22 23.42
N SER A 115 -17.52 -6.45 22.55
CA SER A 115 -17.98 -6.35 21.15
C SER A 115 -17.84 -7.69 20.44
N GLN A 116 -18.91 -8.17 19.77
CA GLN A 116 -18.79 -9.36 18.93
C GLN A 116 -18.07 -9.08 17.62
N TYR A 117 -17.75 -7.80 17.33
CA TYR A 117 -17.02 -7.48 16.11
C TYR A 117 -15.60 -6.97 16.40
N ALA A 118 -15.05 -7.28 17.58
CA ALA A 118 -13.67 -6.89 17.82
C ALA A 118 -12.73 -7.48 16.77
N TYR A 119 -13.00 -8.70 16.27
CA TYR A 119 -12.11 -9.33 15.30
C TYR A 119 -12.07 -8.54 13.98
N GLN A 120 -13.10 -7.73 13.66
CA GLN A 120 -13.10 -6.91 12.46
C GLN A 120 -11.92 -5.92 12.49
N LEU A 121 -11.40 -5.58 13.69
CA LEU A 121 -10.29 -4.64 13.82
C LEU A 121 -8.93 -5.36 13.90
N TYR A 122 -8.90 -6.69 13.79
CA TYR A 122 -7.63 -7.41 13.96
C TYR A 122 -6.68 -7.12 12.79
N TYR A 123 -7.20 -6.52 11.71
CA TYR A 123 -6.37 -6.11 10.58
C TYR A 123 -5.28 -5.13 11.03
N ILE A 124 -5.56 -4.42 12.11
CA ILE A 124 -4.65 -3.43 12.67
C ILE A 124 -3.61 -4.12 13.56
N LYS A 125 -2.32 -3.76 13.38
CA LYS A 125 -1.26 -4.24 14.25
C LYS A 125 -1.55 -3.98 15.71
N GLY A 126 -1.36 -5.05 16.52
CA GLY A 126 -1.52 -4.99 17.96
C GLY A 126 -2.97 -5.13 18.45
N ALA A 127 -3.92 -5.18 17.52
CA ALA A 127 -5.34 -5.20 17.85
C ALA A 127 -5.72 -6.52 18.51
N GLU A 128 -5.32 -7.62 17.89
CA GLU A 128 -5.68 -8.94 18.41
C GLU A 128 -5.07 -9.12 19.81
N ALA A 129 -3.82 -8.66 20.00
CA ALA A 129 -3.13 -8.83 21.26
C ALA A 129 -3.85 -8.07 22.37
N ALA A 130 -4.29 -6.85 22.06
CA ALA A 130 -5.03 -6.07 23.02
C ALA A 130 -6.36 -6.77 23.34
N ASN A 131 -7.02 -7.30 22.30
CA ASN A 131 -8.36 -7.82 22.51
C ASN A 131 -8.34 -9.13 23.30
N THR A 132 -7.22 -9.88 23.22
CA THR A 132 -7.10 -11.22 23.82
C THR A 132 -6.20 -11.19 25.06
N GLY A 133 -5.87 -9.99 25.58
CA GLY A 133 -5.15 -9.83 26.84
C GLY A 133 -3.63 -10.04 26.74
N LYS A 134 -3.10 -10.19 25.52
CA LYS A 134 -1.68 -10.37 25.29
C LYS A 134 -0.97 -9.04 24.97
N GLY A 135 -1.65 -7.89 25.08
CA GLY A 135 -1.04 -6.60 24.79
C GLY A 135 -1.85 -5.43 25.34
N SER A 136 -1.22 -4.25 25.39
CA SER A 136 -1.87 -3.02 25.80
C SER A 136 -2.70 -2.44 24.65
N LEU A 137 -3.82 -1.78 24.98
CA LEU A 137 -4.56 -0.98 24.01
C LEU A 137 -3.70 0.16 23.50
N ASP A 138 -2.77 0.64 24.34
CA ASP A 138 -1.91 1.74 23.97
C ASP A 138 -1.01 1.36 22.79
N ASP A 139 -0.79 0.05 22.58
CA ASP A 139 0.06 -0.45 21.50
C ASP A 139 -0.74 -0.97 20.30
N VAL A 140 -2.04 -0.67 20.23
CA VAL A 140 -2.78 -0.86 18.98
C VAL A 140 -2.35 0.28 18.04
N ALA A 141 -2.01 -0.04 16.80
CA ALA A 141 -1.48 0.95 15.86
C ALA A 141 -2.57 1.76 15.13
N VAL A 142 -3.41 2.44 15.93
CA VAL A 142 -4.23 3.55 15.50
C VAL A 142 -3.91 4.71 16.42
N LYS A 143 -3.48 5.81 15.79
CA LYS A 143 -3.04 6.97 16.57
C LYS A 143 -3.56 8.24 15.92
N ALA A 144 -4.25 9.05 16.71
CA ALA A 144 -4.52 10.44 16.39
C ALA A 144 -3.20 11.22 16.60
N VAL A 145 -2.49 11.44 15.51
CA VAL A 145 -1.25 12.22 15.53
C VAL A 145 -1.57 13.67 15.93
N ASN A 146 -2.65 14.20 15.39
CA ASN A 146 -3.23 15.45 15.82
C ASN A 146 -4.72 15.36 15.50
N ASP A 147 -5.43 16.46 15.75
CA ASP A 147 -6.88 16.50 15.57
C ASP A 147 -7.29 16.12 14.15
N LYS A 148 -6.42 16.35 13.14
CA LYS A 148 -6.80 16.17 11.74
C LYS A 148 -6.05 15.03 11.08
N THR A 149 -5.33 14.22 11.84
CA THR A 149 -4.49 13.20 11.26
C THR A 149 -4.63 11.89 12.04
N LEU A 150 -5.09 10.83 11.39
CA LEU A 150 -5.12 9.50 11.98
C LEU A 150 -4.15 8.60 11.22
N LYS A 151 -3.23 7.97 11.99
CA LYS A 151 -2.30 7.02 11.41
C LYS A 151 -2.64 5.59 11.84
N VAL A 152 -2.67 4.69 10.86
CA VAL A 152 -3.07 3.31 11.08
C VAL A 152 -2.11 2.36 10.36
N GLU A 153 -1.56 1.42 11.12
CA GLU A 153 -0.67 0.42 10.57
C GLU A 153 -1.32 -0.94 10.67
N LEU A 154 -1.35 -1.63 9.53
CA LEU A 154 -1.92 -2.95 9.37
C LEU A 154 -0.84 -4.02 9.49
N ASN A 155 -1.25 -5.22 9.86
CA ASN A 155 -0.37 -6.38 9.79
C ASN A 155 0.06 -6.70 8.35
N ASN A 156 -0.88 -6.61 7.40
CA ASN A 156 -0.70 -6.99 6.02
C ASN A 156 -1.28 -5.89 5.16
N PRO A 157 -0.79 -5.74 3.89
CA PRO A 157 -1.49 -4.94 2.89
C PRO A 157 -2.86 -5.58 2.72
N THR A 158 -3.90 -4.78 2.90
CA THR A 158 -5.27 -5.24 2.88
C THR A 158 -5.96 -4.38 1.86
N PRO A 159 -6.19 -4.88 0.63
CA PRO A 159 -6.69 -4.03 -0.45
C PRO A 159 -8.09 -3.47 -0.23
N TYR A 160 -8.85 -4.08 0.70
CA TYR A 160 -10.18 -3.62 1.00
C TYR A 160 -10.23 -2.86 2.33
N PHE A 161 -9.11 -2.33 2.81
CA PHE A 161 -9.16 -1.63 4.08
C PHE A 161 -10.11 -0.44 4.06
N THR A 162 -10.20 0.28 2.93
CA THR A 162 -11.13 1.39 2.81
C THR A 162 -12.59 0.94 2.71
N GLU A 163 -12.83 -0.35 2.48
CA GLU A 163 -14.18 -0.89 2.67
C GLU A 163 -14.40 -1.10 4.17
N LEU A 164 -13.40 -1.61 4.88
CA LEU A 164 -13.54 -1.81 6.32
C LEU A 164 -13.80 -0.49 7.06
N THR A 165 -13.10 0.60 6.64
CA THR A 165 -13.28 1.89 7.29
C THR A 165 -14.66 2.50 7.02
N ALA A 166 -15.46 1.93 6.08
CA ALA A 166 -16.86 2.30 5.95
C ALA A 166 -17.78 1.36 6.73
N PHE A 167 -17.26 0.35 7.44
CA PHE A 167 -18.06 -0.65 8.14
C PHE A 167 -18.36 -0.13 9.53
N TYR A 168 -19.51 -0.48 10.11
CA TYR A 168 -19.93 0.30 11.26
C TYR A 168 -19.02 0.13 12.49
N THR A 169 -18.26 -0.96 12.67
CA THR A 169 -17.36 -1.09 13.79
C THR A 169 -16.26 -0.02 13.75
N TYR A 170 -15.95 0.47 12.54
CA TYR A 170 -14.95 1.50 12.34
C TYR A 170 -15.54 2.93 12.37
N MET A 171 -16.80 3.10 12.73
CA MET A 171 -17.35 4.44 12.90
C MET A 171 -16.69 5.13 14.08
N PRO A 172 -16.57 6.47 14.03
CA PRO A 172 -16.14 7.21 15.21
C PRO A 172 -17.34 7.25 16.16
N ILE A 173 -17.09 7.56 17.41
CA ILE A 173 -18.13 7.94 18.35
C ILE A 173 -17.61 9.20 19.05
N ASN A 174 -18.53 9.99 19.62
CA ASN A 174 -18.13 11.21 20.31
C ASN A 174 -17.46 10.82 21.63
N LYS A 175 -16.14 11.01 21.69
CA LYS A 175 -15.35 10.59 22.83
C LYS A 175 -15.71 11.38 24.07
N LYS A 176 -15.94 12.69 23.90
CA LYS A 176 -16.26 13.55 25.04
C LYS A 176 -17.52 13.03 25.74
N ILE A 177 -18.60 12.80 24.97
CA ILE A 177 -19.87 12.31 25.52
C ILE A 177 -19.75 10.88 26.04
N ALA A 178 -19.03 9.99 25.31
CA ALA A 178 -18.93 8.58 25.69
C ALA A 178 -18.16 8.41 26.99
N GLU A 179 -17.25 9.35 27.27
CA GLU A 179 -16.52 9.36 28.52
C GLU A 179 -17.44 9.81 29.67
N LYS A 180 -18.30 10.78 29.40
CA LYS A 180 -19.21 11.36 30.38
C LYS A 180 -20.26 10.34 30.77
N ASN A 181 -20.87 9.72 29.74
CA ASN A 181 -22.02 8.86 29.90
C ASN A 181 -21.76 7.56 29.15
N LYS A 182 -21.42 6.51 29.87
CA LYS A 182 -21.08 5.23 29.26
C LYS A 182 -22.34 4.54 28.73
N LYS A 183 -23.52 5.08 29.01
CA LYS A 183 -24.76 4.55 28.45
C LYS A 183 -25.31 5.49 27.37
N TRP A 184 -24.45 6.32 26.74
CA TRP A 184 -24.90 7.33 25.79
C TRP A 184 -25.74 6.71 24.65
N ASN A 185 -25.38 5.47 24.30
CA ASN A 185 -25.90 4.81 23.11
C ASN A 185 -27.29 4.20 23.31
N THR A 186 -27.87 4.22 24.54
CA THR A 186 -29.01 3.38 24.87
C THR A 186 -30.35 4.08 24.68
N ASN A 187 -30.35 5.38 24.40
CA ASN A 187 -31.55 6.16 24.19
C ASN A 187 -31.24 7.34 23.28
N ALA A 188 -32.22 7.80 22.50
CA ALA A 188 -32.15 9.11 21.88
C ALA A 188 -32.06 10.19 22.96
N GLY A 189 -31.52 11.34 22.59
CA GLY A 189 -31.43 12.47 23.52
C GLY A 189 -30.12 13.22 23.32
N ASP A 190 -29.84 14.17 24.22
CA ASP A 190 -28.72 15.06 24.01
C ASP A 190 -27.37 14.32 24.04
N ASP A 191 -27.32 13.14 24.69
CA ASP A 191 -26.10 12.36 24.78
C ASP A 191 -25.97 11.36 23.63
N TYR A 192 -26.92 11.36 22.69
CA TYR A 192 -26.75 10.57 21.47
C TYR A 192 -26.52 11.49 20.28
N VAL A 193 -25.25 11.63 19.88
CA VAL A 193 -24.86 12.48 18.79
C VAL A 193 -24.09 11.61 17.79
N SER A 194 -24.27 11.97 16.51
CA SER A 194 -23.70 11.19 15.42
C SER A 194 -23.27 12.16 14.32
N ASN A 195 -22.55 11.64 13.31
CA ASN A 195 -21.87 12.51 12.37
C ASN A 195 -22.28 12.26 10.91
N GLY A 196 -23.37 11.49 10.67
CA GLY A 196 -23.79 11.10 9.35
C GLY A 196 -24.87 11.98 8.75
N PRO A 197 -25.43 11.61 7.58
CA PRO A 197 -26.38 12.47 6.87
C PRO A 197 -27.67 12.71 7.64
N PHE A 198 -28.02 11.73 8.45
CA PHE A 198 -29.19 11.84 9.31
C PHE A 198 -28.76 11.74 10.74
N LYS A 199 -29.64 12.21 11.64
CA LYS A 199 -29.42 12.05 13.06
C LYS A 199 -30.69 11.52 13.70
N MET A 200 -30.52 10.82 14.83
CA MET A 200 -31.62 10.12 15.47
C MET A 200 -32.25 11.08 16.47
N THR A 201 -33.50 11.46 16.22
CA THR A 201 -34.21 12.41 17.07
C THR A 201 -35.25 11.76 17.98
N ALA A 202 -35.66 10.53 17.69
CA ALA A 202 -36.52 9.81 18.61
C ALA A 202 -36.27 8.31 18.49
N TRP A 203 -36.38 7.63 19.63
CA TRP A 203 -36.33 6.17 19.70
C TRP A 203 -37.30 5.70 20.79
N LYS A 204 -38.48 5.25 20.37
CA LYS A 204 -39.37 4.50 21.24
C LYS A 204 -39.00 3.02 21.19
N HIS A 205 -38.40 2.53 22.26
CA HIS A 205 -37.92 1.16 22.27
C HIS A 205 -39.05 0.19 21.90
N SER A 206 -38.73 -0.70 20.96
CA SER A 206 -39.66 -1.69 20.46
C SER A 206 -40.84 -1.06 19.69
N GLY A 207 -40.81 0.25 19.45
CA GLY A 207 -41.86 0.98 18.76
C GLY A 207 -41.41 1.54 17.41
N SER A 208 -40.48 2.51 17.46
CA SER A 208 -40.11 3.26 16.27
C SER A 208 -38.84 4.05 16.53
N ILE A 209 -38.18 4.43 15.41
CA ILE A 209 -37.04 5.34 15.43
C ILE A 209 -37.34 6.46 14.45
N THR A 210 -37.12 7.71 14.87
CA THR A 210 -37.23 8.83 13.95
C THR A 210 -35.83 9.38 13.66
N LEU A 211 -35.51 9.50 12.37
CA LEU A 211 -34.27 10.15 11.95
C LEU A 211 -34.66 11.43 11.22
N GLU A 212 -33.85 12.49 11.37
CA GLU A 212 -34.03 13.70 10.59
C GLU A 212 -32.72 14.08 9.90
N LYS A 213 -32.83 14.87 8.84
CA LYS A 213 -31.64 15.34 8.18
C LYS A 213 -30.74 16.08 9.18
N ASN A 214 -29.44 15.82 9.10
CA ASN A 214 -28.46 16.35 10.05
C ASN A 214 -27.86 17.63 9.45
N ASP A 215 -28.27 18.79 9.98
CA ASP A 215 -27.84 20.06 9.40
C ASP A 215 -26.36 20.37 9.72
N GLN A 216 -25.65 19.49 10.46
CA GLN A 216 -24.23 19.65 10.74
C GLN A 216 -23.39 18.74 9.84
N TYR A 217 -24.05 17.92 9.00
CA TYR A 217 -23.33 17.00 8.12
C TYR A 217 -22.61 17.78 7.05
N TRP A 218 -21.38 17.38 6.73
CA TRP A 218 -20.56 18.14 5.80
C TRP A 218 -21.19 18.20 4.40
N ASP A 219 -21.81 17.09 3.94
CA ASP A 219 -22.34 16.99 2.60
C ASP A 219 -23.87 17.12 2.64
N LYS A 220 -24.41 17.92 3.57
CA LYS A 220 -25.86 18.07 3.74
C LYS A 220 -26.58 18.58 2.49
N ASP A 221 -25.93 19.32 1.58
CA ASP A 221 -26.62 19.84 0.43
C ASP A 221 -26.98 18.71 -0.54
N LYS A 222 -26.32 17.54 -0.39
CA LYS A 222 -26.62 16.38 -1.22
C LYS A 222 -27.69 15.46 -0.60
N VAL A 223 -28.12 15.81 0.60
CA VAL A 223 -29.14 15.05 1.32
C VAL A 223 -30.49 15.73 1.10
N LYS A 224 -31.44 14.97 0.53
CA LYS A 224 -32.71 15.50 0.04
C LYS A 224 -33.83 15.14 1.01
N LEU A 225 -33.74 13.99 1.69
CA LEU A 225 -34.81 13.65 2.62
C LEU A 225 -34.62 14.43 3.92
N LYS A 226 -35.74 14.87 4.52
CA LYS A 226 -35.71 15.60 5.77
C LYS A 226 -36.03 14.73 6.97
N LYS A 227 -36.75 13.62 6.72
CA LYS A 227 -37.14 12.75 7.80
C LYS A 227 -37.25 11.31 7.33
N ILE A 228 -36.77 10.37 8.15
CA ILE A 228 -36.99 8.95 7.93
C ILE A 228 -37.69 8.41 9.15
N ASP A 229 -38.90 7.87 8.96
CA ASP A 229 -39.65 7.30 10.06
C ASP A 229 -39.61 5.79 9.95
N MET A 230 -38.97 5.16 10.93
CA MET A 230 -38.74 3.72 10.95
C MET A 230 -39.66 3.04 11.97
N VAL A 231 -40.60 2.22 11.50
CA VAL A 231 -41.45 1.48 12.40
C VAL A 231 -40.88 0.08 12.62
N MET A 232 -41.53 -0.69 13.50
CA MET A 232 -41.02 -1.98 13.92
C MET A 232 -42.16 -3.00 13.92
N ILE A 233 -42.54 -3.36 12.72
CA ILE A 233 -43.67 -4.25 12.48
C ILE A 233 -43.09 -5.57 12.04
N ASN A 234 -43.19 -6.62 12.90
CA ASN A 234 -42.58 -7.91 12.57
C ASN A 234 -43.57 -8.81 11.81
N ASN A 235 -44.74 -8.29 11.50
CA ASN A 235 -45.77 -9.01 10.73
C ASN A 235 -45.69 -8.59 9.26
N ASN A 236 -45.23 -9.51 8.40
CA ASN A 236 -44.94 -9.22 7.01
C ASN A 236 -46.23 -8.87 6.27
N ASN A 237 -47.35 -9.52 6.63
CA ASN A 237 -48.62 -9.17 5.99
C ASN A 237 -49.03 -7.73 6.29
N THR A 238 -48.82 -7.28 7.54
CA THR A 238 -49.16 -5.94 7.94
C THR A 238 -48.27 -4.94 7.19
N GLU A 239 -46.96 -5.23 7.12
CA GLU A 239 -46.04 -4.33 6.39
C GLU A 239 -46.57 -4.11 4.97
N LEU A 240 -46.98 -5.19 4.30
CA LEU A 240 -47.44 -5.07 2.91
C LEU A 240 -48.74 -4.27 2.86
N LYS A 241 -49.67 -4.54 3.78
CA LYS A 241 -50.91 -3.76 3.87
C LYS A 241 -50.61 -2.26 4.00
N LYS A 242 -49.70 -1.88 4.91
CA LYS A 242 -49.39 -0.48 5.12
C LYS A 242 -48.81 0.13 3.86
N PHE A 243 -47.94 -0.60 3.16
CA PHE A 243 -47.39 -0.14 1.90
C PHE A 243 -48.50 0.11 0.88
N GLN A 244 -49.46 -0.82 0.83
CA GLN A 244 -50.52 -0.78 -0.18
C GLN A 244 -51.50 0.35 0.13
N ALA A 245 -51.58 0.78 1.38
CA ALA A 245 -52.38 1.96 1.73
C ALA A 245 -51.56 3.25 1.61
N GLY A 246 -50.27 3.14 1.23
CA GLY A 246 -49.39 4.29 1.06
C GLY A 246 -48.84 4.86 2.36
N GLU A 247 -48.91 4.09 3.47
CA GLU A 247 -48.43 4.53 4.76
C GLU A 247 -46.94 4.15 4.92
N LEU A 248 -46.46 3.25 4.07
CA LEU A 248 -45.02 3.01 3.93
C LEU A 248 -44.68 3.22 2.47
N ASP A 249 -43.39 3.58 2.21
CA ASP A 249 -42.87 3.83 0.86
C ASP A 249 -42.09 2.65 0.29
N TRP A 250 -41.98 1.59 1.11
CA TRP A 250 -41.20 0.40 0.85
C TRP A 250 -41.86 -0.75 1.62
N ALA A 251 -41.82 -1.94 1.02
CA ALA A 251 -42.21 -3.18 1.68
C ALA A 251 -41.20 -4.22 1.23
N GLY A 252 -40.43 -4.76 2.19
CA GLY A 252 -39.42 -5.74 1.83
C GLY A 252 -38.04 -5.34 2.31
N MET A 253 -37.09 -6.14 1.85
CA MET A 253 -35.71 -6.13 2.23
C MET A 253 -35.06 -4.91 1.61
N PRO A 254 -33.89 -4.46 2.07
CA PRO A 254 -33.18 -5.11 3.18
C PRO A 254 -33.73 -4.99 4.59
N LEU A 255 -34.52 -3.97 4.93
CA LEU A 255 -34.80 -3.69 6.33
C LEU A 255 -36.15 -4.26 6.75
N GLY A 256 -37.06 -4.43 5.78
CA GLY A 256 -38.37 -5.02 6.02
C GLY A 256 -38.45 -6.40 5.39
N GLN A 257 -39.66 -6.94 5.23
CA GLN A 257 -39.78 -8.29 4.68
C GLN A 257 -41.19 -8.51 4.13
N LEU A 258 -41.22 -8.96 2.88
CA LEU A 258 -42.49 -9.22 2.21
C LEU A 258 -43.01 -10.59 2.64
N PRO A 259 -44.34 -10.77 2.72
CA PRO A 259 -44.90 -12.10 3.02
C PRO A 259 -44.54 -13.02 1.87
N THR A 260 -44.12 -14.26 2.17
CA THR A 260 -43.56 -15.12 1.15
C THR A 260 -44.64 -15.44 0.12
N GLU A 261 -45.91 -15.49 0.55
CA GLU A 261 -46.99 -15.87 -0.35
C GLU A 261 -47.40 -14.69 -1.25
N SER A 262 -46.99 -13.45 -0.95
CA SER A 262 -47.28 -12.33 -1.84
C SER A 262 -46.36 -12.32 -3.05
N LEU A 263 -45.25 -13.06 -3.01
CA LEU A 263 -44.19 -12.89 -3.98
C LEU A 263 -44.64 -13.25 -5.40
N PRO A 264 -45.41 -14.36 -5.63
CA PRO A 264 -45.96 -14.66 -6.95
C PRO A 264 -46.74 -13.52 -7.60
N THR A 265 -47.68 -12.95 -6.84
CA THR A 265 -48.57 -11.92 -7.32
C THR A 265 -47.79 -10.66 -7.70
N LEU A 266 -46.85 -10.26 -6.84
CA LEU A 266 -46.05 -9.06 -7.06
C LEU A 266 -45.09 -9.24 -8.23
N LYS A 267 -44.59 -10.44 -8.43
CA LYS A 267 -43.72 -10.74 -9.55
C LYS A 267 -44.53 -10.63 -10.85
N LYS A 268 -45.78 -11.11 -10.81
CA LYS A 268 -46.64 -11.12 -11.99
C LYS A 268 -47.07 -9.72 -12.39
N ASP A 269 -47.40 -8.84 -11.43
CA ASP A 269 -47.85 -7.50 -11.81
C ASP A 269 -46.64 -6.63 -12.19
N GLY A 270 -45.41 -7.14 -12.02
CA GLY A 270 -44.21 -6.49 -12.51
C GLY A 270 -43.59 -5.51 -11.51
N SER A 271 -44.18 -5.41 -10.30
CA SER A 271 -43.72 -4.46 -9.28
C SER A 271 -42.57 -5.00 -8.42
N LEU A 272 -42.31 -6.31 -8.40
CA LEU A 272 -41.32 -6.91 -7.51
C LEU A 272 -39.90 -6.66 -8.00
N HIS A 273 -39.06 -6.12 -7.10
CA HIS A 273 -37.63 -6.14 -7.32
C HIS A 273 -37.02 -7.37 -6.67
N VAL A 274 -36.15 -8.02 -7.40
CA VAL A 274 -35.45 -9.21 -6.92
C VAL A 274 -34.00 -9.08 -7.36
N GLU A 275 -33.08 -9.13 -6.38
CA GLU A 275 -31.67 -8.96 -6.67
C GLU A 275 -30.90 -9.95 -5.81
N PRO A 276 -30.00 -10.75 -6.40
CA PRO A 276 -29.07 -11.60 -5.66
C PRO A 276 -28.12 -10.70 -4.89
N ILE A 277 -27.80 -11.06 -3.63
CA ILE A 277 -26.81 -10.33 -2.85
C ILE A 277 -25.81 -11.33 -2.26
N ALA A 278 -24.74 -10.80 -1.69
CA ALA A 278 -23.74 -11.62 -1.02
C ALA A 278 -24.21 -11.90 0.41
N GLY A 279 -25.02 -12.94 0.51
CA GLY A 279 -25.45 -13.42 1.81
C GLY A 279 -25.81 -14.90 1.76
N VAL A 280 -25.76 -15.52 2.94
CA VAL A 280 -25.99 -16.94 3.07
C VAL A 280 -26.90 -17.16 4.30
N TYR A 281 -27.84 -18.09 4.13
CA TYR A 281 -28.77 -18.50 5.16
C TYR A 281 -28.34 -19.88 5.64
N TRP A 282 -28.04 -20.03 6.92
CA TRP A 282 -27.50 -21.27 7.42
C TRP A 282 -28.07 -21.59 8.79
N TYR A 283 -28.04 -22.87 9.13
CA TYR A 283 -28.30 -23.28 10.50
C TYR A 283 -26.97 -23.57 11.19
N LYS A 284 -26.64 -22.77 12.18
CA LYS A 284 -25.44 -22.98 12.97
C LYS A 284 -25.62 -24.15 13.92
N PHE A 285 -24.59 -25.00 14.05
CA PHE A 285 -24.54 -26.06 15.04
C PHE A 285 -23.69 -25.61 16.21
N ASN A 286 -24.24 -25.82 17.42
CA ASN A 286 -23.42 -25.77 18.60
C ASN A 286 -22.63 -27.07 18.74
N THR A 287 -21.37 -27.02 18.27
CA THR A 287 -20.57 -28.23 18.17
C THR A 287 -20.14 -28.70 19.57
N GLU A 288 -20.45 -27.92 20.63
CA GLU A 288 -20.18 -28.37 22.00
C GLU A 288 -21.46 -28.87 22.70
N ALA A 289 -22.58 -29.02 22.00
CA ALA A 289 -23.83 -29.54 22.58
C ALA A 289 -24.19 -30.87 21.92
N LYS A 290 -24.34 -31.94 22.72
CA LYS A 290 -24.70 -33.23 22.15
C LYS A 290 -26.10 -33.14 21.55
N PRO A 291 -26.40 -33.84 20.41
CA PRO A 291 -25.44 -34.67 19.68
C PRO A 291 -24.67 -33.95 18.55
N LEU A 292 -24.72 -32.61 18.56
CA LEU A 292 -24.14 -31.82 17.47
C LEU A 292 -22.63 -31.75 17.57
N ASP A 293 -22.08 -32.27 18.66
CA ASP A 293 -20.65 -32.50 18.79
C ASP A 293 -20.15 -33.64 17.91
N ASN A 294 -21.04 -34.36 17.20
CA ASN A 294 -20.63 -35.43 16.33
C ASN A 294 -20.77 -34.97 14.88
N VAL A 295 -19.65 -34.96 14.11
CA VAL A 295 -19.64 -34.45 12.74
C VAL A 295 -20.60 -35.21 11.83
N ASN A 296 -20.76 -36.54 12.08
CA ASN A 296 -21.63 -37.38 11.25
C ASN A 296 -23.08 -36.95 11.43
N ILE A 297 -23.48 -36.58 12.67
CA ILE A 297 -24.82 -36.07 12.93
C ILE A 297 -24.99 -34.74 12.20
N ARG A 298 -24.01 -33.83 12.34
CA ARG A 298 -24.09 -32.54 11.66
C ARG A 298 -24.26 -32.75 10.15
N LYS A 299 -23.51 -33.71 9.57
CA LYS A 299 -23.58 -33.97 8.15
C LYS A 299 -24.88 -34.63 7.74
N ALA A 300 -25.42 -35.52 8.60
CA ALA A 300 -26.73 -36.11 8.30
C ALA A 300 -27.83 -35.07 8.20
N LEU A 301 -27.83 -34.16 9.19
CA LEU A 301 -28.82 -33.11 9.26
C LEU A 301 -28.69 -32.16 8.05
N THR A 302 -27.47 -31.96 7.56
CA THR A 302 -27.22 -31.03 6.48
C THR A 302 -27.54 -31.65 5.11
N TYR A 303 -27.11 -32.92 4.88
CA TYR A 303 -27.27 -33.57 3.58
C TYR A 303 -28.73 -33.95 3.30
N SER A 304 -29.53 -34.07 4.37
CA SER A 304 -30.92 -34.46 4.26
C SER A 304 -31.87 -33.31 3.93
N LEU A 305 -31.38 -32.05 3.84
CA LEU A 305 -32.26 -30.94 3.45
C LEU A 305 -32.50 -30.95 1.95
N ASP A 306 -33.75 -30.58 1.56
CA ASP A 306 -34.13 -30.36 0.19
C ASP A 306 -34.27 -28.85 -0.02
N ARG A 307 -33.16 -28.24 -0.41
CA ARG A 307 -33.06 -26.79 -0.48
C ARG A 307 -33.88 -26.27 -1.67
N GLN A 308 -33.96 -27.07 -2.74
CA GLN A 308 -34.74 -26.65 -3.89
C GLN A 308 -36.20 -26.47 -3.47
N SER A 309 -36.72 -27.39 -2.65
CA SER A 309 -38.09 -27.32 -2.20
C SER A 309 -38.30 -26.09 -1.31
N ILE A 310 -37.34 -25.83 -0.41
CA ILE A 310 -37.42 -24.65 0.43
C ILE A 310 -37.49 -23.38 -0.42
N VAL A 311 -36.61 -23.23 -1.42
CA VAL A 311 -36.59 -21.96 -2.16
C VAL A 311 -37.80 -21.87 -3.11
N LYS A 312 -38.30 -23.01 -3.62
CA LYS A 312 -39.37 -22.93 -4.61
C LYS A 312 -40.72 -22.75 -3.92
N ASN A 313 -40.93 -23.46 -2.79
CA ASN A 313 -42.21 -23.60 -2.13
C ASN A 313 -42.35 -22.74 -0.86
N VAL A 314 -41.24 -22.50 -0.13
CA VAL A 314 -41.32 -21.83 1.16
C VAL A 314 -40.93 -20.37 0.98
N THR A 315 -39.70 -20.09 0.52
CA THR A 315 -39.28 -18.70 0.42
C THR A 315 -39.85 -18.01 -0.84
N GLN A 316 -39.78 -18.64 -2.01
CA GLN A 316 -40.39 -18.14 -3.24
C GLN A 316 -39.74 -16.84 -3.74
N GLY A 317 -38.49 -16.56 -3.30
CA GLY A 317 -37.81 -15.31 -3.61
C GLY A 317 -36.59 -15.48 -4.53
N GLU A 318 -36.57 -16.58 -5.30
CA GLU A 318 -35.56 -16.86 -6.31
C GLU A 318 -34.18 -17.05 -5.70
N GLN A 319 -34.15 -17.41 -4.42
CA GLN A 319 -32.90 -17.77 -3.80
C GLN A 319 -32.37 -19.03 -4.46
N ILE A 320 -31.05 -19.22 -4.44
CA ILE A 320 -30.48 -20.48 -4.91
C ILE A 320 -29.96 -21.32 -3.75
N PRO A 321 -30.13 -22.65 -3.85
CA PRO A 321 -29.62 -23.58 -2.85
C PRO A 321 -28.14 -23.39 -2.59
N ALA A 322 -27.80 -23.40 -1.30
CA ALA A 322 -26.42 -23.21 -0.86
C ALA A 322 -25.88 -24.51 -0.29
N MET A 323 -24.77 -25.00 -0.89
CA MET A 323 -24.04 -26.14 -0.38
C MET A 323 -22.57 -25.72 -0.23
N ALA A 324 -22.41 -24.54 0.39
CA ALA A 324 -21.14 -23.86 0.47
C ALA A 324 -21.33 -22.67 1.41
N ALA A 325 -20.26 -22.01 1.82
CA ALA A 325 -20.30 -20.84 2.68
C ALA A 325 -20.24 -19.51 1.91
N VAL A 326 -19.43 -19.45 0.84
CA VAL A 326 -19.14 -18.21 0.15
C VAL A 326 -20.13 -18.02 -0.99
N PRO A 327 -20.89 -16.90 -1.09
CA PRO A 327 -21.86 -16.72 -2.18
C PRO A 327 -21.21 -16.71 -3.56
N PRO A 328 -21.87 -17.31 -4.57
CA PRO A 328 -21.29 -17.41 -5.92
C PRO A 328 -21.06 -16.07 -6.60
N THR A 329 -21.68 -15.00 -6.08
CA THR A 329 -21.48 -13.64 -6.57
C THR A 329 -20.09 -13.13 -6.16
N MET A 330 -19.34 -13.82 -5.30
CA MET A 330 -17.99 -13.40 -4.95
C MET A 330 -17.08 -13.79 -6.12
N LYS A 331 -16.48 -12.79 -6.80
CA LYS A 331 -15.64 -13.07 -7.95
C LYS A 331 -14.61 -14.14 -7.55
N GLY A 332 -14.56 -15.23 -8.33
CA GLY A 332 -13.67 -16.35 -8.04
C GLY A 332 -14.37 -17.55 -7.39
N PHE A 333 -15.63 -17.40 -7.02
CA PHE A 333 -16.36 -18.41 -6.26
C PHE A 333 -17.69 -18.74 -6.93
N GLU A 334 -17.78 -18.51 -8.26
CA GLU A 334 -19.02 -18.66 -9.02
C GLU A 334 -19.45 -20.14 -9.11
N ASP A 335 -18.51 -21.05 -8.92
CA ASP A 335 -18.81 -22.47 -8.92
C ASP A 335 -19.48 -22.91 -7.62
N ASN A 336 -19.73 -21.99 -6.66
CA ASN A 336 -20.46 -22.32 -5.45
C ASN A 336 -21.95 -22.41 -5.72
N LYS A 337 -22.40 -22.08 -6.92
CA LYS A 337 -23.75 -22.39 -7.33
C LYS A 337 -23.95 -23.92 -7.30
N GLU A 338 -22.92 -24.68 -7.67
CA GLU A 338 -22.98 -26.14 -7.63
C GLU A 338 -22.70 -26.63 -6.22
N GLY A 339 -21.67 -26.06 -5.58
CA GLY A 339 -21.38 -26.32 -4.18
C GLY A 339 -20.54 -27.57 -3.96
N TYR A 340 -20.39 -27.96 -2.70
CA TYR A 340 -19.43 -28.96 -2.27
C TYR A 340 -20.06 -30.35 -2.14
N PHE A 341 -21.39 -30.45 -2.24
CA PHE A 341 -22.10 -31.70 -2.03
C PHE A 341 -23.46 -31.55 -2.68
N LYS A 342 -24.16 -32.65 -2.87
CA LYS A 342 -25.45 -32.64 -3.53
C LYS A 342 -26.54 -32.18 -2.56
N ASP A 343 -27.45 -31.34 -3.08
CA ASP A 343 -28.71 -31.00 -2.44
C ASP A 343 -29.57 -32.27 -2.37
N ASN A 344 -30.35 -32.41 -1.31
CA ASN A 344 -31.37 -33.47 -1.19
C ASN A 344 -30.71 -34.85 -1.33
N ASP A 345 -29.59 -35.04 -0.64
CA ASP A 345 -28.78 -36.27 -0.75
C ASP A 345 -29.14 -37.15 0.44
N VAL A 346 -30.39 -37.65 0.44
CA VAL A 346 -30.91 -38.42 1.55
C VAL A 346 -30.12 -39.73 1.73
N LYS A 347 -29.71 -40.35 0.61
CA LYS A 347 -28.98 -41.62 0.70
C LYS A 347 -27.73 -41.41 1.53
N THR A 348 -26.95 -40.38 1.18
CA THR A 348 -25.72 -40.10 1.90
C THR A 348 -26.00 -39.59 3.32
N ALA A 349 -27.06 -38.80 3.50
CA ALA A 349 -27.43 -38.33 4.82
C ALA A 349 -27.64 -39.53 5.76
N LYS A 350 -28.30 -40.58 5.26
CA LYS A 350 -28.67 -41.70 6.11
C LYS A 350 -27.39 -42.47 6.49
N GLU A 351 -26.43 -42.51 5.56
CA GLU A 351 -25.16 -43.15 5.79
C GLU A 351 -24.40 -42.44 6.91
N TYR A 352 -24.40 -41.10 6.87
CA TYR A 352 -23.79 -40.35 7.94
C TYR A 352 -24.50 -40.58 9.29
N LEU A 353 -25.83 -40.60 9.28
CA LEU A 353 -26.56 -40.86 10.51
C LEU A 353 -26.14 -42.20 11.10
N GLU A 354 -26.12 -43.25 10.28
CA GLU A 354 -25.77 -44.57 10.77
C GLU A 354 -24.37 -44.52 11.40
N LYS A 355 -23.44 -43.83 10.75
CA LYS A 355 -22.07 -43.76 11.26
C LYS A 355 -22.03 -43.05 12.62
N GLY A 356 -22.76 -41.94 12.76
CA GLY A 356 -22.83 -41.25 14.02
C GLY A 356 -23.39 -42.08 15.17
N LEU A 357 -24.50 -42.78 14.91
CA LEU A 357 -25.19 -43.59 15.92
C LEU A 357 -24.23 -44.68 16.39
N LYS A 358 -23.55 -45.29 15.43
CA LYS A 358 -22.61 -46.35 15.75
C LYS A 358 -21.52 -45.82 16.68
N GLU A 359 -21.00 -44.63 16.39
CA GLU A 359 -19.99 -44.04 17.25
C GLU A 359 -20.52 -43.80 18.66
N MET A 360 -21.84 -43.56 18.83
CA MET A 360 -22.42 -43.35 20.15
C MET A 360 -22.82 -44.67 20.83
N GLY A 361 -22.86 -45.74 20.05
CA GLY A 361 -23.27 -47.03 20.56
C GLY A 361 -24.80 -47.20 20.46
N LEU A 362 -25.43 -46.30 19.70
CA LEU A 362 -26.88 -46.31 19.54
C LEU A 362 -27.22 -47.10 18.31
N SER A 363 -28.49 -47.51 18.19
CA SER A 363 -28.95 -48.23 17.02
C SER A 363 -29.99 -47.44 16.23
N LYS A 364 -30.78 -46.58 16.88
CA LYS A 364 -31.81 -45.87 16.16
C LYS A 364 -31.81 -44.39 16.50
N ALA A 365 -32.30 -43.59 15.53
CA ALA A 365 -32.26 -42.13 15.62
C ALA A 365 -33.11 -41.65 16.78
N SER A 366 -34.19 -42.38 17.09
CA SER A 366 -35.07 -42.00 18.19
C SER A 366 -34.38 -42.05 19.54
N ASP A 367 -33.25 -42.76 19.65
CA ASP A 367 -32.54 -42.80 20.92
C ASP A 367 -31.51 -41.68 21.05
N LEU A 368 -31.36 -40.80 20.05
CA LEU A 368 -30.52 -39.61 20.22
C LEU A 368 -31.01 -38.75 21.36
N PRO A 369 -30.12 -37.94 21.98
CA PRO A 369 -30.59 -36.90 22.89
C PRO A 369 -31.52 -35.96 22.13
N LYS A 370 -32.45 -35.34 22.88
CA LYS A 370 -33.42 -34.42 22.34
C LYS A 370 -32.69 -33.28 21.65
N ILE A 371 -33.19 -32.89 20.48
CA ILE A 371 -32.64 -31.76 19.75
C ILE A 371 -33.65 -30.62 19.64
N LYS A 372 -33.19 -29.41 19.93
CA LYS A 372 -33.97 -28.20 19.75
C LYS A 372 -33.43 -27.38 18.57
N LEU A 373 -34.32 -26.95 17.68
CA LEU A 373 -34.00 -26.01 16.61
C LEU A 373 -34.57 -24.64 16.96
N SER A 374 -33.68 -23.63 17.06
CA SER A 374 -33.99 -22.29 17.49
C SER A 374 -33.93 -21.38 16.27
N TYR A 375 -34.75 -20.35 16.31
CA TYR A 375 -34.73 -19.26 15.36
C TYR A 375 -35.30 -18.01 16.00
N ASN A 376 -35.07 -16.87 15.33
CA ASN A 376 -35.61 -15.60 15.75
C ASN A 376 -37.03 -15.50 15.20
N THR A 377 -37.96 -15.02 16.06
CA THR A 377 -39.37 -14.87 15.73
C THR A 377 -39.51 -14.17 14.38
N ASP A 378 -40.15 -14.87 13.43
CA ASP A 378 -40.26 -14.39 12.08
C ASP A 378 -41.13 -15.37 11.30
N ASP A 379 -42.01 -14.80 10.45
CA ASP A 379 -42.96 -15.56 9.65
C ASP A 379 -42.18 -16.57 8.79
N ALA A 380 -41.18 -16.07 8.06
CA ALA A 380 -40.48 -16.92 7.11
C ALA A 380 -39.58 -17.93 7.83
N HIS A 381 -38.89 -17.52 8.93
CA HIS A 381 -38.00 -18.46 9.60
C HIS A 381 -38.80 -19.62 10.17
N ALA A 382 -40.01 -19.34 10.68
CA ALA A 382 -40.86 -20.39 11.22
C ALA A 382 -41.25 -21.40 10.14
N LYS A 383 -41.64 -20.92 8.94
CA LYS A 383 -42.02 -21.78 7.83
C LYS A 383 -40.83 -22.64 7.38
N ILE A 384 -39.62 -22.06 7.30
CA ILE A 384 -38.44 -22.82 6.91
C ILE A 384 -38.13 -23.88 7.97
N ALA A 385 -38.20 -23.48 9.25
CA ALA A 385 -37.92 -24.38 10.36
C ALA A 385 -38.91 -25.56 10.36
N GLN A 386 -40.18 -25.27 10.03
CA GLN A 386 -41.21 -26.32 9.94
C GLN A 386 -40.90 -27.27 8.78
N ALA A 387 -40.49 -26.71 7.63
CA ALA A 387 -40.14 -27.51 6.46
C ALA A 387 -38.94 -28.40 6.77
N VAL A 388 -37.92 -27.87 7.47
CA VAL A 388 -36.74 -28.63 7.84
C VAL A 388 -37.06 -29.70 8.89
N GLN A 389 -37.89 -29.34 9.87
CA GLN A 389 -38.35 -30.26 10.90
C GLN A 389 -38.93 -31.49 10.22
N GLU A 390 -39.80 -31.27 9.23
CA GLU A 390 -40.43 -32.35 8.50
C GLU A 390 -39.38 -33.15 7.74
N MET A 391 -38.39 -32.49 7.13
CA MET A 391 -37.40 -33.19 6.32
C MET A 391 -36.61 -34.09 7.25
N TRP A 392 -36.32 -33.62 8.47
CA TRP A 392 -35.54 -34.43 9.39
C TRP A 392 -36.37 -35.63 9.85
N LYS A 393 -37.63 -35.41 10.23
CA LYS A 393 -38.51 -36.50 10.65
C LYS A 393 -38.63 -37.53 9.52
N LYS A 394 -38.94 -37.06 8.31
CA LYS A 394 -39.26 -37.92 7.18
C LYS A 394 -38.02 -38.64 6.64
N ASN A 395 -36.87 -37.97 6.50
CA ASN A 395 -35.69 -38.54 5.85
C ASN A 395 -34.73 -39.25 6.81
N LEU A 396 -34.72 -38.87 8.10
CA LEU A 396 -33.78 -39.42 9.07
C LEU A 396 -34.47 -40.07 10.28
N GLY A 397 -35.79 -39.84 10.46
CA GLY A 397 -36.43 -40.26 11.69
C GLY A 397 -35.95 -39.50 12.91
N VAL A 398 -35.54 -38.24 12.70
CA VAL A 398 -35.07 -37.42 13.80
C VAL A 398 -36.14 -36.37 14.11
N ASP A 399 -36.57 -36.32 15.38
CA ASP A 399 -37.51 -35.32 15.82
C ASP A 399 -36.76 -34.18 16.50
N VAL A 400 -37.10 -32.97 16.08
CA VAL A 400 -36.59 -31.79 16.75
C VAL A 400 -37.79 -31.00 17.24
N GLU A 401 -37.58 -30.25 18.32
CA GLU A 401 -38.53 -29.30 18.87
C GLU A 401 -38.09 -27.89 18.47
N LEU A 402 -39.05 -27.02 18.16
CA LEU A 402 -38.81 -25.66 17.70
C LEU A 402 -38.94 -24.67 18.85
N ASP A 403 -38.11 -23.61 18.86
CA ASP A 403 -38.33 -22.47 19.75
C ASP A 403 -37.88 -21.20 19.03
N ASN A 404 -38.51 -20.09 19.39
CA ASN A 404 -38.26 -18.80 18.77
C ASN A 404 -38.06 -17.71 19.82
N SER A 405 -37.27 -16.68 19.49
CA SER A 405 -36.90 -15.62 20.40
C SER A 405 -36.91 -14.31 19.62
N GLU A 406 -37.19 -13.19 20.31
CA GLU A 406 -36.95 -11.86 19.78
C GLU A 406 -35.51 -11.74 19.26
N TRP A 407 -35.31 -10.97 18.19
CA TRP A 407 -34.01 -10.87 17.52
C TRP A 407 -32.86 -10.47 18.45
N ASN A 408 -33.00 -9.36 19.18
CA ASN A 408 -31.88 -8.87 19.98
C ASN A 408 -31.54 -9.87 21.10
N VAL A 409 -32.55 -10.52 21.70
CA VAL A 409 -32.34 -11.59 22.68
C VAL A 409 -31.66 -12.80 22.03
N TYR A 410 -32.14 -13.15 20.83
CA TYR A 410 -31.66 -14.29 20.06
C TYR A 410 -30.16 -14.20 19.79
N ILE A 411 -29.67 -13.02 19.40
CA ILE A 411 -28.26 -12.87 19.11
C ILE A 411 -27.46 -13.30 20.34
N ASP A 412 -27.92 -12.90 21.54
CA ASP A 412 -27.19 -13.22 22.75
C ASP A 412 -27.32 -14.71 23.11
N LYS A 413 -28.47 -15.30 22.79
CA LYS A 413 -28.65 -16.75 22.98
C LYS A 413 -27.59 -17.54 22.20
N LEU A 414 -27.40 -17.21 20.93
CA LEU A 414 -26.43 -17.90 20.10
C LEU A 414 -25.02 -17.60 20.63
N HIS A 415 -24.76 -16.34 21.03
CA HIS A 415 -23.41 -15.95 21.39
C HIS A 415 -22.97 -16.67 22.66
N SER A 416 -23.93 -16.91 23.56
CA SER A 416 -23.63 -17.60 24.81
C SER A 416 -23.69 -19.12 24.64
N GLN A 417 -24.01 -19.60 23.41
CA GLN A 417 -24.04 -21.03 23.05
C GLN A 417 -25.12 -21.75 23.88
N ASP A 418 -26.20 -21.02 24.17
CA ASP A 418 -27.38 -21.56 24.82
C ASP A 418 -28.37 -22.08 23.79
N TYR A 419 -27.90 -23.01 22.93
CA TYR A 419 -28.66 -23.57 21.84
C TYR A 419 -27.98 -24.84 21.36
N GLN A 420 -28.70 -25.56 20.49
CA GLN A 420 -28.17 -26.72 19.80
C GLN A 420 -28.04 -26.47 18.29
N ILE A 421 -29.14 -26.13 17.63
CA ILE A 421 -29.16 -25.72 16.25
C ILE A 421 -29.85 -24.36 16.18
N GLY A 422 -29.20 -23.38 15.54
CA GLY A 422 -29.72 -22.01 15.53
C GLY A 422 -29.70 -21.44 14.12
N ARG A 423 -30.86 -20.99 13.62
CA ARG A 423 -30.98 -20.33 12.35
C ARG A 423 -30.16 -19.04 12.41
N MET A 424 -29.46 -18.74 11.32
CA MET A 424 -28.84 -17.44 11.21
C MET A 424 -28.68 -17.08 9.74
N GLY A 425 -28.53 -15.79 9.45
CA GLY A 425 -28.13 -15.35 8.11
C GLY A 425 -26.85 -14.53 8.22
N TRP A 426 -25.99 -14.55 7.18
CA TRP A 426 -24.78 -13.73 7.20
C TRP A 426 -24.74 -12.94 5.89
N LEU A 427 -24.64 -11.61 6.02
CA LEU A 427 -24.48 -10.71 4.88
C LEU A 427 -23.07 -10.15 4.89
N GLY A 428 -22.51 -10.05 3.70
CA GLY A 428 -21.17 -9.53 3.53
C GLY A 428 -20.98 -8.13 4.08
N ASP A 429 -19.85 -7.95 4.75
CA ASP A 429 -19.41 -6.69 5.34
C ASP A 429 -18.56 -5.90 4.36
N PHE A 430 -17.94 -6.63 3.44
CA PHE A 430 -17.01 -6.08 2.46
C PHE A 430 -16.91 -7.10 1.33
N ASN A 431 -16.42 -6.64 0.20
CA ASN A 431 -16.48 -7.40 -1.01
C ASN A 431 -15.24 -8.31 -1.12
N ASP A 432 -15.13 -9.29 -0.21
CA ASP A 432 -14.08 -10.28 -0.28
C ASP A 432 -14.61 -11.59 0.32
N PRO A 433 -14.30 -12.76 -0.27
CA PRO A 433 -14.82 -14.02 0.26
C PRO A 433 -14.43 -14.34 1.72
N ILE A 434 -13.33 -13.78 2.26
CA ILE A 434 -12.87 -14.16 3.58
C ILE A 434 -13.86 -13.69 4.66
N ASN A 435 -14.70 -12.73 4.29
CA ASN A 435 -15.66 -12.22 5.25
C ASN A 435 -16.64 -13.34 5.63
N PHE A 436 -16.76 -14.37 4.78
CA PHE A 436 -17.69 -15.47 5.03
C PHE A 436 -17.00 -16.62 5.75
N LEU A 437 -15.69 -16.49 6.01
CA LEU A 437 -14.87 -17.58 6.53
C LEU A 437 -14.22 -17.18 7.85
N GLU A 438 -13.72 -15.93 7.98
CA GLU A 438 -12.92 -15.59 9.14
C GLU A 438 -13.76 -15.45 10.41
N LEU A 439 -15.08 -15.34 10.29
CA LEU A 439 -15.89 -15.39 11.51
C LEU A 439 -15.74 -16.73 12.24
N PHE A 440 -15.27 -17.76 11.52
CA PHE A 440 -15.06 -19.08 12.12
C PHE A 440 -13.60 -19.41 12.34
N ARG A 441 -12.73 -18.41 12.28
CA ARG A 441 -11.30 -18.65 12.42
C ARG A 441 -10.94 -19.09 13.83
N ASP A 442 -11.49 -18.39 14.81
CA ASP A 442 -11.23 -18.59 16.22
C ASP A 442 -12.51 -19.05 16.91
N LYS A 443 -12.34 -20.05 17.81
CA LYS A 443 -13.46 -20.62 18.57
C LYS A 443 -14.27 -19.51 19.23
N ASN A 444 -13.54 -18.56 19.84
CA ASN A 444 -14.14 -17.48 20.61
C ASN A 444 -14.32 -16.21 19.77
N GLY A 445 -14.20 -16.32 18.44
CA GLY A 445 -14.54 -15.21 17.56
C GLY A 445 -15.94 -14.71 17.87
N GLY A 446 -16.10 -13.39 17.90
CA GLY A 446 -17.36 -12.81 18.34
C GLY A 446 -18.60 -13.23 17.56
N ASN A 447 -18.46 -13.62 16.28
CA ASN A 447 -19.59 -14.03 15.45
C ASN A 447 -19.54 -15.51 15.07
N ASN A 448 -18.72 -16.28 15.78
CA ASN A 448 -18.61 -17.71 15.53
C ASN A 448 -19.82 -18.42 16.13
N ASP A 449 -19.75 -18.61 17.47
CA ASP A 449 -20.86 -19.15 18.26
C ASP A 449 -21.10 -20.64 18.03
N THR A 450 -20.28 -21.33 17.24
CA THR A 450 -20.42 -22.77 17.00
C THR A 450 -19.55 -23.61 17.93
N GLY A 451 -18.60 -22.96 18.62
CA GLY A 451 -17.61 -23.65 19.42
C GLY A 451 -16.52 -24.30 18.56
N TRP A 452 -16.58 -24.15 17.23
CA TRP A 452 -15.69 -24.86 16.31
C TRP A 452 -14.45 -24.02 16.01
N GLU A 453 -13.29 -24.69 15.92
CA GLU A 453 -12.11 -24.09 15.30
C GLU A 453 -11.27 -25.24 14.75
N ASN A 454 -10.54 -24.94 13.69
CA ASN A 454 -9.71 -25.94 13.05
C ASN A 454 -8.36 -25.30 12.76
N PRO A 455 -7.26 -25.90 13.23
CA PRO A 455 -5.93 -25.33 13.04
C PRO A 455 -5.48 -25.14 11.60
N GLU A 456 -5.78 -26.08 10.71
CA GLU A 456 -5.44 -25.92 9.29
C GLU A 456 -6.27 -24.82 8.63
N PHE A 457 -7.57 -24.74 8.98
CA PHE A 457 -8.43 -23.68 8.51
C PHE A 457 -7.82 -22.32 8.85
N LYS A 458 -7.45 -22.15 10.12
CA LYS A 458 -6.93 -20.89 10.57
C LYS A 458 -5.59 -20.58 9.90
N LYS A 459 -4.76 -21.61 9.73
CA LYS A 459 -3.48 -21.42 9.05
C LYS A 459 -3.68 -20.91 7.63
N LEU A 460 -4.62 -21.53 6.88
CA LEU A 460 -4.92 -21.19 5.50
C LEU A 460 -5.47 -19.77 5.43
N LEU A 461 -6.40 -19.40 6.33
CA LEU A 461 -6.91 -18.03 6.29
C LEU A 461 -5.77 -17.02 6.51
N ASN A 462 -4.85 -17.33 7.42
CA ASN A 462 -3.78 -16.40 7.74
C ASN A 462 -2.83 -16.29 6.55
N GLN A 463 -2.54 -17.42 5.89
CA GLN A 463 -1.72 -17.42 4.69
C GLN A 463 -2.40 -16.64 3.57
N SER A 464 -3.74 -16.73 3.45
CA SER A 464 -4.44 -16.01 2.42
C SER A 464 -4.16 -14.51 2.52
N GLN A 465 -3.93 -14.02 3.74
CA GLN A 465 -3.87 -12.60 3.96
C GLN A 465 -2.46 -12.07 3.72
N THR A 466 -1.49 -12.99 3.48
CA THR A 466 -0.16 -12.57 3.06
C THR A 466 0.09 -12.80 1.57
N GLU A 467 -0.87 -13.35 0.84
CA GLU A 467 -0.75 -13.62 -0.58
C GLU A 467 -1.45 -12.51 -1.37
N THR A 468 -0.70 -11.78 -2.23
CA THR A 468 -1.30 -10.74 -3.05
C THR A 468 -1.88 -11.26 -4.38
N ASP A 469 -1.39 -12.40 -4.84
CA ASP A 469 -1.82 -12.98 -6.09
C ASP A 469 -3.24 -13.51 -5.90
N LYS A 470 -4.17 -13.08 -6.77
CA LYS A 470 -5.59 -13.32 -6.58
C LYS A 470 -5.95 -14.79 -6.79
N THR A 471 -5.23 -15.43 -7.72
CA THR A 471 -5.43 -16.84 -8.00
C THR A 471 -4.99 -17.69 -6.81
N LYS A 472 -3.71 -17.54 -6.42
CA LYS A 472 -3.17 -18.32 -5.34
C LYS A 472 -3.97 -18.07 -4.06
N ARG A 473 -4.40 -16.82 -3.88
CA ARG A 473 -5.18 -16.48 -2.70
C ARG A 473 -6.56 -17.16 -2.72
N ALA A 474 -7.28 -17.03 -3.82
CA ALA A 474 -8.55 -17.72 -4.01
C ALA A 474 -8.40 -19.23 -3.75
N GLU A 475 -7.26 -19.83 -4.13
CA GLU A 475 -7.10 -21.26 -3.94
C GLU A 475 -6.90 -21.60 -2.46
N LEU A 476 -6.15 -20.78 -1.72
CA LEU A 476 -5.99 -20.95 -0.28
C LEU A 476 -7.35 -20.86 0.43
N LEU A 477 -8.18 -19.89 0.01
CA LEU A 477 -9.51 -19.72 0.62
C LEU A 477 -10.45 -20.86 0.23
N LYS A 478 -10.38 -21.35 -1.00
CA LYS A 478 -11.20 -22.50 -1.41
C LYS A 478 -10.80 -23.75 -0.64
N LYS A 479 -9.50 -23.93 -0.32
CA LYS A 479 -9.09 -25.06 0.49
C LYS A 479 -9.65 -24.92 1.89
N ALA A 480 -9.59 -23.69 2.44
CA ALA A 480 -10.16 -23.40 3.75
C ALA A 480 -11.65 -23.75 3.76
N GLU A 481 -12.38 -23.25 2.76
CA GLU A 481 -13.81 -23.51 2.61
C GLU A 481 -14.09 -25.02 2.55
N GLY A 482 -13.23 -25.81 1.89
CA GLY A 482 -13.42 -27.24 1.81
C GLY A 482 -13.29 -27.93 3.18
N ILE A 483 -12.35 -27.50 3.99
CA ILE A 483 -12.15 -28.01 5.34
C ILE A 483 -13.37 -27.67 6.18
N PHE A 484 -13.81 -26.41 6.11
CA PHE A 484 -15.04 -26.00 6.78
C PHE A 484 -16.26 -26.85 6.41
N ILE A 485 -16.50 -27.07 5.14
CA ILE A 485 -17.65 -27.87 4.73
C ILE A 485 -17.45 -29.34 5.10
N ASP A 486 -16.20 -29.81 5.20
CA ASP A 486 -15.95 -31.20 5.57
C ASP A 486 -16.23 -31.43 7.07
N GLU A 487 -16.12 -30.38 7.91
CA GLU A 487 -16.42 -30.46 9.33
C GLU A 487 -17.80 -29.91 9.70
N MET A 488 -18.46 -29.32 8.73
CA MET A 488 -19.85 -28.88 8.79
C MET A 488 -20.21 -28.28 10.16
N PRO A 489 -19.62 -27.14 10.58
CA PRO A 489 -20.08 -26.43 11.77
C PRO A 489 -21.42 -25.70 11.61
N VAL A 490 -21.85 -25.49 10.38
CA VAL A 490 -23.16 -24.92 10.03
C VAL A 490 -23.70 -25.75 8.89
N ALA A 491 -25.01 -25.67 8.71
CA ALA A 491 -25.69 -26.25 7.57
C ALA A 491 -26.09 -25.13 6.61
N PRO A 492 -25.39 -24.93 5.47
CA PRO A 492 -25.85 -23.96 4.51
C PRO A 492 -27.20 -24.40 3.94
N ILE A 493 -28.07 -23.42 3.68
CA ILE A 493 -29.39 -23.66 3.12
C ILE A 493 -29.61 -22.92 1.80
N TYR A 494 -29.49 -21.58 1.79
CA TYR A 494 -29.65 -20.85 0.55
C TYR A 494 -28.80 -19.57 0.55
N PHE A 495 -28.51 -19.11 -0.66
CA PHE A 495 -27.92 -17.78 -0.86
C PHE A 495 -29.01 -16.74 -1.11
N TYR A 496 -28.83 -15.58 -0.47
CA TYR A 496 -29.87 -14.57 -0.35
C TYR A 496 -30.16 -13.88 -1.68
N THR A 497 -31.41 -13.45 -1.78
CA THR A 497 -31.81 -12.32 -2.59
C THR A 497 -32.42 -11.24 -1.69
N ASP A 498 -32.40 -10.01 -2.20
CA ASP A 498 -33.26 -8.97 -1.69
C ASP A 498 -34.48 -8.91 -2.57
N THR A 499 -35.64 -9.02 -1.95
CA THR A 499 -36.95 -8.84 -2.57
C THR A 499 -37.72 -7.71 -1.91
N TRP A 500 -38.21 -6.79 -2.73
CA TRP A 500 -38.99 -5.68 -2.20
C TRP A 500 -39.90 -5.08 -3.26
N VAL A 501 -40.89 -4.33 -2.79
CA VAL A 501 -41.60 -3.36 -3.61
C VAL A 501 -41.43 -1.97 -2.99
N GLN A 502 -41.62 -0.92 -3.79
CA GLN A 502 -41.42 0.46 -3.35
C GLN A 502 -42.27 1.41 -4.18
N ASP A 503 -42.48 2.59 -3.62
CA ASP A 503 -42.90 3.76 -4.38
C ASP A 503 -41.83 3.99 -5.44
N GLU A 504 -42.19 3.84 -6.72
CA GLU A 504 -41.21 3.95 -7.80
C GLU A 504 -40.76 5.40 -8.03
N ASN A 505 -41.37 6.36 -7.32
CA ASN A 505 -40.85 7.72 -7.30
C ASN A 505 -39.64 7.86 -6.36
N LEU A 506 -39.34 6.85 -5.54
CA LEU A 506 -38.19 6.93 -4.65
C LEU A 506 -36.92 6.54 -5.41
N LYS A 507 -36.07 7.55 -5.69
CA LYS A 507 -34.85 7.34 -6.46
C LYS A 507 -33.63 7.55 -5.59
N GLY A 508 -32.43 7.23 -6.10
CA GLY A 508 -31.20 7.63 -5.45
C GLY A 508 -30.77 6.72 -4.30
N VAL A 509 -31.53 5.65 -4.06
CA VAL A 509 -31.18 4.72 -2.98
C VAL A 509 -29.95 3.93 -3.39
N ILE A 510 -28.99 3.73 -2.46
CA ILE A 510 -27.77 3.02 -2.76
C ILE A 510 -27.87 1.63 -2.13
N MET A 511 -27.76 0.60 -2.97
CA MET A 511 -27.86 -0.78 -2.52
C MET A 511 -26.74 -1.58 -3.18
N PRO A 512 -25.57 -1.63 -2.51
CA PRO A 512 -24.33 -2.13 -3.10
C PRO A 512 -24.24 -3.59 -3.51
N GLY A 513 -25.11 -4.46 -2.99
CA GLY A 513 -25.08 -5.86 -3.40
C GLY A 513 -24.54 -6.77 -2.30
N THR A 514 -23.98 -6.16 -1.22
CA THR A 514 -23.75 -6.83 0.06
C THR A 514 -25.02 -6.79 0.95
N GLY A 515 -26.12 -6.19 0.47
CA GLY A 515 -27.39 -6.31 1.16
C GLY A 515 -27.72 -5.14 2.08
N GLU A 516 -26.85 -4.11 2.09
CA GLU A 516 -27.09 -2.88 2.85
C GLU A 516 -27.88 -1.88 2.04
N VAL A 517 -28.39 -0.84 2.72
CA VAL A 517 -29.08 0.24 2.05
C VAL A 517 -28.70 1.56 2.71
N TYR A 518 -28.42 2.56 1.85
CA TYR A 518 -28.07 3.91 2.25
C TYR A 518 -29.07 4.89 1.65
N PHE A 519 -29.66 5.74 2.49
CA PHE A 519 -30.65 6.71 2.05
C PHE A 519 -30.07 8.12 1.88
N ARG A 520 -28.75 8.25 2.11
CA ARG A 520 -28.02 9.52 2.09
C ARG A 520 -28.50 10.42 0.96
N ASN A 521 -28.54 9.91 -0.26
CA ASN A 521 -28.85 10.73 -1.43
C ASN A 521 -30.19 10.38 -2.03
N ALA A 522 -31.03 9.63 -1.31
CA ALA A 522 -32.33 9.25 -1.84
C ALA A 522 -33.28 10.44 -1.87
N TYR A 523 -34.28 10.38 -2.76
CA TYR A 523 -35.24 11.46 -2.90
C TYR A 523 -36.49 10.91 -3.58
N PHE A 524 -37.61 11.65 -3.43
CA PHE A 524 -38.81 11.38 -4.19
C PHE A 524 -38.85 12.32 -5.39
N LYS A 525 -39.07 11.77 -6.59
CA LYS A 525 -38.97 12.48 -7.87
C LYS A 525 -39.98 13.65 -7.91
N GLY B 18 -4.84 -10.74 -13.93
CA GLY B 18 -4.60 -9.29 -14.04
C GLY B 18 -3.22 -8.99 -14.64
N LYS B 19 -2.66 -7.88 -14.21
CA LYS B 19 -1.60 -7.20 -14.95
C LYS B 19 -0.24 -7.59 -14.38
N THR B 20 0.61 -8.13 -15.27
CA THR B 20 1.95 -8.55 -14.89
C THR B 20 3.04 -7.85 -15.71
N THR B 21 2.65 -6.94 -16.61
CA THR B 21 3.62 -6.12 -17.33
C THR B 21 3.58 -4.70 -16.75
N LEU B 22 4.76 -4.16 -16.47
CA LEU B 22 4.96 -2.82 -15.98
C LEU B 22 5.59 -2.00 -17.10
N ASN B 23 4.87 -0.94 -17.50
CA ASN B 23 5.28 -0.03 -18.55
C ASN B 23 5.76 1.29 -17.94
N ILE B 24 7.07 1.60 -18.13
CA ILE B 24 7.67 2.81 -17.59
C ILE B 24 8.59 3.45 -18.62
N ASN B 25 8.95 4.70 -18.32
CA ASN B 25 9.85 5.49 -19.15
C ASN B 25 11.17 5.64 -18.39
N ILE B 26 12.30 5.49 -19.10
CA ILE B 26 13.60 5.79 -18.50
C ILE B 26 14.28 6.91 -19.32
N LYS B 27 13.57 7.54 -20.30
CA LYS B 27 13.94 8.83 -20.92
C LYS B 27 14.98 8.75 -22.05
N THR B 28 16.04 7.97 -21.82
CA THR B 28 17.21 8.09 -22.68
C THR B 28 18.03 6.80 -22.59
N GLU B 29 18.98 6.66 -23.53
CA GLU B 29 19.92 5.53 -23.50
C GLU B 29 20.82 5.60 -22.27
N PRO B 30 20.97 4.45 -21.55
CA PRO B 30 21.87 4.39 -20.42
C PRO B 30 23.31 4.70 -20.83
N PHE B 31 24.04 5.23 -19.88
CA PHE B 31 25.48 5.44 -20.09
C PHE B 31 26.18 4.08 -20.27
N SER B 32 25.89 3.10 -19.42
CA SER B 32 26.43 1.76 -19.57
C SER B 32 25.58 0.75 -18.83
N LEU B 33 25.43 -0.43 -19.45
CA LEU B 33 24.80 -1.52 -18.71
C LEU B 33 25.85 -2.56 -18.25
N HIS B 34 27.12 -2.11 -18.19
CA HIS B 34 28.12 -2.83 -17.40
C HIS B 34 28.06 -2.26 -15.99
N PRO B 35 27.81 -3.10 -14.95
CA PRO B 35 27.72 -2.57 -13.59
C PRO B 35 28.98 -1.84 -13.13
N GLY B 36 30.16 -2.20 -13.70
CA GLY B 36 31.43 -1.65 -13.34
C GLY B 36 31.75 -0.31 -13.99
N LEU B 37 30.91 0.14 -14.95
CA LEU B 37 31.04 1.41 -15.65
C LEU B 37 29.87 2.35 -15.35
N ALA B 38 28.68 1.79 -15.09
CA ALA B 38 27.52 2.66 -14.85
C ALA B 38 27.87 3.70 -13.79
N ASN B 39 27.40 4.95 -13.94
CA ASN B 39 27.65 5.93 -12.91
C ASN B 39 26.46 6.88 -12.75
N ASP B 40 25.33 6.43 -13.24
CA ASP B 40 24.22 7.36 -13.45
C ASP B 40 22.90 6.68 -13.15
N SER B 41 21.88 7.53 -12.97
CA SER B 41 20.56 7.06 -12.61
C SER B 41 19.83 6.27 -13.69
N VAL B 42 20.12 6.52 -14.97
CA VAL B 42 19.47 5.83 -16.06
C VAL B 42 19.97 4.39 -16.11
N SER B 43 21.31 4.24 -16.23
CA SER B 43 21.91 2.92 -16.14
C SER B 43 21.50 2.20 -14.85
N GLY B 44 21.58 2.93 -13.73
CA GLY B 44 21.26 2.36 -12.43
C GLY B 44 19.82 1.87 -12.33
N GLY B 45 18.89 2.53 -13.04
CA GLY B 45 17.48 2.15 -13.03
C GLY B 45 17.25 0.79 -13.70
N VAL B 46 18.13 0.44 -14.67
CA VAL B 46 18.07 -0.85 -15.31
C VAL B 46 18.83 -1.90 -14.47
N ILE B 47 20.07 -1.59 -14.09
CA ILE B 47 20.91 -2.60 -13.43
C ILE B 47 20.37 -2.98 -12.05
N ARG B 48 19.65 -2.04 -11.40
CA ARG B 48 19.02 -2.35 -10.12
C ARG B 48 17.88 -3.38 -10.24
N GLN B 49 17.38 -3.62 -11.45
CA GLN B 49 16.37 -4.64 -11.70
C GLN B 49 17.04 -5.96 -12.12
N THR B 50 18.18 -5.87 -12.83
CA THR B 50 18.71 -7.05 -13.49
C THR B 50 19.88 -7.69 -12.73
N PHE B 51 20.57 -7.00 -11.82
CA PHE B 51 21.65 -7.61 -11.04
C PHE B 51 21.35 -7.53 -9.55
N GLU B 52 22.00 -8.40 -8.77
CA GLU B 52 21.89 -8.37 -7.32
C GLU B 52 23.28 -8.60 -6.74
N GLY B 53 23.64 -7.79 -5.73
CA GLY B 53 24.91 -7.90 -5.06
C GLY B 53 24.89 -8.89 -3.89
N LEU B 54 25.94 -8.83 -3.10
CA LEU B 54 26.02 -9.67 -1.90
C LEU B 54 24.88 -9.38 -0.93
N THR B 55 24.47 -8.11 -0.90
CA THR B 55 23.34 -7.62 -0.15
C THR B 55 22.42 -6.88 -1.12
N ARG B 56 21.20 -6.64 -0.67
CA ARG B 56 20.18 -5.92 -1.44
C ARG B 56 19.39 -5.10 -0.43
N ILE B 57 18.58 -4.15 -0.95
CA ILE B 57 17.88 -3.20 -0.10
C ILE B 57 16.44 -3.67 0.02
N ASN B 58 15.93 -3.71 1.28
CA ASN B 58 14.59 -4.20 1.54
C ASN B 58 13.59 -3.03 1.59
N ALA B 59 12.33 -3.38 1.86
CA ALA B 59 11.22 -2.42 1.90
C ALA B 59 11.36 -1.41 3.04
N ASP B 60 12.21 -1.71 4.05
CA ASP B 60 12.53 -0.77 5.11
C ASP B 60 13.71 0.12 4.76
N GLY B 61 14.31 -0.09 3.58
CA GLY B 61 15.43 0.72 3.13
C GLY B 61 16.77 0.32 3.73
N GLU B 62 16.84 -0.90 4.29
CA GLU B 62 18.06 -1.36 4.92
C GLU B 62 18.66 -2.53 4.12
N PRO B 63 19.96 -2.74 4.24
CA PRO B 63 20.64 -3.89 3.60
C PRO B 63 20.27 -5.22 4.25
N GLU B 64 20.11 -6.23 3.39
CA GLU B 64 19.79 -7.59 3.79
C GLU B 64 20.51 -8.52 2.81
N GLU B 65 20.51 -9.80 3.18
CA GLU B 65 21.24 -10.82 2.44
C GLU B 65 20.69 -10.90 1.02
N GLY B 66 21.60 -10.92 0.03
CA GLY B 66 21.21 -11.09 -1.37
C GLY B 66 21.87 -12.35 -1.92
N MET B 67 22.94 -12.18 -2.71
CA MET B 67 23.73 -13.32 -3.16
C MET B 67 24.47 -13.99 -2.00
N ALA B 68 24.78 -13.25 -0.92
CA ALA B 68 25.44 -13.79 0.28
C ALA B 68 24.34 -14.18 1.28
N SER B 69 24.31 -15.47 1.67
CA SER B 69 23.33 -15.95 2.63
C SER B 69 23.80 -15.67 4.06
N LYS B 70 25.09 -15.47 4.22
CA LYS B 70 25.63 -15.09 5.51
C LYS B 70 26.76 -14.10 5.30
N ILE B 71 26.87 -13.16 6.25
CA ILE B 71 27.89 -12.12 6.27
C ILE B 71 28.47 -12.10 7.68
N GLU B 72 29.78 -12.32 7.77
CA GLU B 72 30.51 -12.31 9.04
C GLU B 72 31.54 -11.19 9.00
N THR B 73 31.65 -10.45 10.11
CA THR B 73 32.62 -9.38 10.27
C THR B 73 33.53 -9.75 11.42
N SER B 74 34.84 -9.58 11.19
CA SER B 74 35.88 -9.82 12.18
C SER B 74 35.72 -8.84 13.35
N LYS B 75 36.32 -9.18 14.50
CA LYS B 75 36.05 -8.39 15.68
C LYS B 75 36.58 -6.98 15.49
N ASP B 76 37.64 -6.83 14.69
CA ASP B 76 38.21 -5.51 14.43
C ASP B 76 37.40 -4.75 13.36
N GLY B 77 36.33 -5.35 12.81
CA GLY B 77 35.45 -4.63 11.90
C GLY B 77 35.98 -4.48 10.47
N LYS B 78 37.17 -5.00 10.18
CA LYS B 78 37.80 -4.80 8.88
C LYS B 78 37.64 -5.97 7.90
N THR B 79 37.55 -7.23 8.37
CA THR B 79 37.49 -8.35 7.44
C THR B 79 36.07 -8.85 7.37
N TYR B 80 35.50 -8.82 6.15
CA TYR B 80 34.18 -9.38 5.89
C TYR B 80 34.29 -10.74 5.21
N THR B 81 33.55 -11.75 5.70
CA THR B 81 33.53 -13.04 5.04
C THR B 81 32.12 -13.25 4.56
N PHE B 82 31.94 -13.27 3.22
CA PHE B 82 30.63 -13.57 2.65
C PHE B 82 30.50 -15.03 2.24
N THR B 83 29.45 -15.67 2.73
CA THR B 83 29.06 -17.00 2.27
C THR B 83 28.05 -16.84 1.14
N ILE B 84 28.39 -17.34 -0.04
CA ILE B 84 27.49 -17.30 -1.18
C ILE B 84 26.38 -18.30 -0.93
N ARG B 85 25.16 -17.84 -1.15
CA ARG B 85 23.93 -18.58 -1.00
C ARG B 85 23.96 -19.84 -1.87
N ASP B 86 23.57 -20.98 -1.29
CA ASP B 86 23.47 -22.20 -2.08
C ASP B 86 22.52 -22.05 -3.26
N GLY B 87 22.96 -22.53 -4.42
CA GLY B 87 22.07 -22.66 -5.56
C GLY B 87 21.91 -21.38 -6.38
N VAL B 88 22.58 -20.27 -6.04
CA VAL B 88 22.34 -19.04 -6.78
C VAL B 88 22.93 -19.19 -8.18
N LYS B 89 22.19 -18.66 -9.17
CA LYS B 89 22.56 -18.83 -10.56
C LYS B 89 22.41 -17.51 -11.31
N TRP B 90 23.19 -17.42 -12.39
CA TRP B 90 23.01 -16.52 -13.52
C TRP B 90 21.79 -16.91 -14.34
N SER B 91 21.34 -15.94 -15.15
CA SER B 91 20.17 -16.12 -15.99
C SER B 91 20.34 -17.23 -17.03
N ASN B 92 21.58 -17.64 -17.31
CA ASN B 92 21.86 -18.77 -18.19
C ASN B 92 21.97 -20.11 -17.44
N GLY B 93 21.73 -20.13 -16.13
CA GLY B 93 21.83 -21.35 -15.33
C GLY B 93 23.19 -21.63 -14.69
N ASP B 94 24.28 -20.93 -15.10
CA ASP B 94 25.59 -21.07 -14.49
C ASP B 94 25.51 -20.65 -13.02
N PRO B 95 26.23 -21.31 -12.08
CA PRO B 95 26.36 -20.79 -10.72
C PRO B 95 26.95 -19.39 -10.64
N VAL B 96 26.38 -18.55 -9.77
CA VAL B 96 27.09 -17.36 -9.33
C VAL B 96 28.11 -17.79 -8.26
N THR B 97 29.36 -17.40 -8.44
CA THR B 97 30.43 -17.73 -7.49
C THR B 97 31.15 -16.49 -6.95
N ALA B 98 31.88 -16.69 -5.85
CA ALA B 98 32.74 -15.66 -5.34
C ALA B 98 33.74 -15.17 -6.39
N GLN B 99 34.12 -16.01 -7.35
CA GLN B 99 35.07 -15.58 -8.35
C GLN B 99 34.45 -14.50 -9.26
N ASP B 100 33.14 -14.57 -9.48
CA ASP B 100 32.44 -13.56 -10.29
C ASP B 100 32.52 -12.19 -9.61
N PHE B 101 32.48 -12.18 -8.27
CA PHE B 101 32.57 -10.94 -7.52
C PHE B 101 33.99 -10.39 -7.56
N GLU B 102 34.98 -11.28 -7.27
CA GLU B 102 36.36 -10.86 -7.29
C GLU B 102 36.72 -10.29 -8.66
N TYR B 103 36.27 -11.00 -9.72
CA TYR B 103 36.53 -10.55 -11.07
C TYR B 103 35.90 -9.16 -11.36
N ALA B 104 34.62 -9.01 -10.99
CA ALA B 104 33.95 -7.73 -11.23
C ALA B 104 34.64 -6.55 -10.55
N TRP B 105 35.01 -6.72 -9.27
CA TRP B 105 35.55 -5.62 -8.50
C TRP B 105 36.92 -5.21 -9.00
N LYS B 106 37.75 -6.26 -9.25
CA LYS B 106 39.04 -5.94 -9.84
C LYS B 106 38.94 -5.35 -11.24
N TRP B 107 37.93 -5.79 -12.03
CA TRP B 107 37.69 -5.21 -13.34
C TRP B 107 37.45 -3.69 -13.23
N ALA B 108 36.61 -3.30 -12.27
CA ALA B 108 36.32 -1.89 -12.09
C ALA B 108 37.50 -1.09 -11.54
N LEU B 109 38.43 -1.74 -10.82
CA LEU B 109 39.62 -1.07 -10.34
C LEU B 109 40.76 -1.03 -11.35
N ASP B 110 40.73 -1.90 -12.34
CA ASP B 110 41.78 -1.87 -13.34
C ASP B 110 41.73 -0.55 -14.08
N PRO B 111 42.77 0.30 -14.07
CA PRO B 111 42.72 1.60 -14.72
C PRO B 111 42.48 1.53 -16.23
N ASN B 112 42.83 0.42 -16.85
CA ASN B 112 42.62 0.29 -18.29
C ASN B 112 41.14 0.32 -18.64
N ASN B 113 40.28 -0.01 -17.64
CA ASN B 113 38.84 -0.06 -17.88
C ASN B 113 38.15 1.30 -17.69
N GLU B 114 38.84 2.29 -17.10
CA GLU B 114 38.42 3.67 -17.04
C GLU B 114 37.04 3.83 -16.38
N SER B 115 36.77 3.04 -15.35
CA SER B 115 35.56 3.20 -14.57
C SER B 115 35.59 4.53 -13.81
N GLN B 116 34.47 5.30 -13.93
CA GLN B 116 34.31 6.51 -13.13
C GLN B 116 33.96 6.24 -11.66
N TYR B 117 33.67 4.98 -11.32
CA TYR B 117 33.39 4.65 -9.95
C TYR B 117 34.50 3.80 -9.28
N ALA B 118 35.69 3.76 -9.88
CA ALA B 118 36.75 2.97 -9.25
C ALA B 118 36.92 3.40 -7.78
N TYR B 119 36.79 4.71 -7.48
CA TYR B 119 37.00 5.19 -6.11
C TYR B 119 35.96 4.60 -5.13
N GLN B 120 34.80 4.12 -5.59
CA GLN B 120 33.80 3.54 -4.72
C GLN B 120 34.35 2.27 -4.05
N LEU B 121 35.40 1.68 -4.64
CA LEU B 121 35.95 0.40 -4.15
C LEU B 121 37.21 0.68 -3.34
N TYR B 122 37.59 1.95 -3.16
CA TYR B 122 38.80 2.32 -2.41
C TYR B 122 38.71 1.92 -0.93
N TYR B 123 37.51 1.60 -0.44
CA TYR B 123 37.25 1.08 0.90
C TYR B 123 38.06 -0.20 1.15
N ILE B 124 38.35 -0.93 0.08
CA ILE B 124 39.05 -2.22 0.16
C ILE B 124 40.56 -1.98 0.18
N LYS B 125 41.25 -2.75 1.05
CA LYS B 125 42.69 -2.62 1.09
C LYS B 125 43.35 -2.94 -0.25
N GLY B 126 44.31 -2.10 -0.65
CA GLY B 126 45.03 -2.27 -1.88
C GLY B 126 44.31 -1.72 -3.13
N ALA B 127 43.04 -1.35 -3.00
CA ALA B 127 42.25 -0.90 -4.15
C ALA B 127 42.78 0.38 -4.82
N GLU B 128 43.04 1.40 -4.01
CA GLU B 128 43.52 2.68 -4.54
C GLU B 128 44.89 2.52 -5.21
N ALA B 129 45.74 1.70 -4.59
CA ALA B 129 47.06 1.47 -5.14
C ALA B 129 46.96 0.82 -6.52
N ALA B 130 46.09 -0.20 -6.64
CA ALA B 130 45.88 -0.88 -7.91
C ALA B 130 45.31 0.08 -8.97
N ASN B 131 44.36 0.91 -8.58
CA ASN B 131 43.72 1.78 -9.57
C ASN B 131 44.65 2.91 -10.04
N THR B 132 45.63 3.31 -9.23
CA THR B 132 46.52 4.43 -9.48
C THR B 132 47.90 3.96 -9.95
N GLY B 133 48.05 2.65 -10.17
CA GLY B 133 49.26 2.08 -10.76
C GLY B 133 50.42 1.99 -9.78
N LYS B 134 50.12 1.96 -8.48
CA LYS B 134 51.11 1.94 -7.43
C LYS B 134 51.12 0.60 -6.68
N GLY B 135 50.32 -0.36 -7.16
CA GLY B 135 50.18 -1.70 -6.59
C GLY B 135 49.50 -2.59 -7.63
N SER B 136 49.37 -3.88 -7.31
N SER B 136 49.50 -3.91 -7.46
CA SER B 136 48.83 -4.87 -8.22
CA SER B 136 48.85 -4.79 -8.42
C SER B 136 47.37 -5.18 -7.92
C SER B 136 47.41 -5.03 -7.99
N LEU B 137 46.59 -5.49 -8.96
CA LEU B 137 45.25 -5.97 -8.73
C LEU B 137 45.31 -7.21 -7.85
N ASP B 138 46.40 -8.00 -7.93
CA ASP B 138 46.47 -9.22 -7.13
C ASP B 138 46.51 -8.89 -5.64
N ASP B 139 46.95 -7.68 -5.29
CA ASP B 139 47.08 -7.27 -3.90
C ASP B 139 45.85 -6.51 -3.38
N VAL B 140 44.81 -6.40 -4.21
CA VAL B 140 43.53 -5.89 -3.70
C VAL B 140 42.85 -6.99 -2.88
N ALA B 141 42.44 -6.61 -1.67
CA ALA B 141 41.98 -7.56 -0.68
C ALA B 141 40.54 -7.99 -0.85
N VAL B 142 40.20 -8.56 -2.06
CA VAL B 142 38.97 -9.30 -2.31
C VAL B 142 39.43 -10.63 -2.89
N LYS B 143 39.00 -11.73 -2.27
CA LYS B 143 39.46 -13.06 -2.63
C LYS B 143 38.31 -14.05 -2.56
N ALA B 144 38.09 -14.74 -3.67
CA ALA B 144 37.26 -15.95 -3.69
C ALA B 144 38.11 -17.08 -3.10
N VAL B 145 37.93 -17.31 -1.81
CA VAL B 145 38.62 -18.40 -1.11
C VAL B 145 38.20 -19.73 -1.72
N ASN B 146 36.92 -19.82 -2.04
CA ASN B 146 36.37 -20.87 -2.86
C ASN B 146 35.12 -20.27 -3.51
N ASP B 147 34.37 -21.11 -4.24
CA ASP B 147 33.25 -20.60 -5.03
C ASP B 147 32.11 -20.11 -4.14
N LYS B 148 32.09 -20.50 -2.84
CA LYS B 148 31.02 -20.07 -1.92
C LYS B 148 31.53 -19.13 -0.82
N THR B 149 32.77 -18.65 -0.93
CA THR B 149 33.37 -17.85 0.12
C THR B 149 34.14 -16.68 -0.48
N LEU B 150 33.67 -15.44 -0.17
CA LEU B 150 34.41 -14.23 -0.54
C LEU B 150 34.91 -13.49 0.70
N LYS B 151 36.22 -13.29 0.76
CA LYS B 151 36.81 -12.59 1.90
C LYS B 151 37.34 -11.23 1.41
N VAL B 152 36.95 -10.19 2.17
CA VAL B 152 37.22 -8.80 1.82
C VAL B 152 37.75 -8.09 3.07
N GLU B 153 38.91 -7.47 2.92
CA GLU B 153 39.47 -6.67 3.99
C GLU B 153 39.46 -5.19 3.58
N LEU B 154 38.87 -4.39 4.46
CA LEU B 154 38.82 -2.94 4.36
C LEU B 154 40.01 -2.32 5.06
N ASN B 155 40.36 -1.10 4.63
CA ASN B 155 41.34 -0.28 5.32
C ASN B 155 40.87 0.09 6.73
N ASN B 156 39.57 0.37 6.89
CA ASN B 156 38.98 0.80 8.13
C ASN B 156 37.62 0.17 8.31
N PRO B 157 37.13 0.01 9.56
CA PRO B 157 35.75 -0.38 9.83
C PRO B 157 34.86 0.63 9.13
N THR B 158 33.87 0.11 8.42
CA THR B 158 33.05 0.93 7.55
C THR B 158 31.63 0.49 7.80
N PRO B 159 30.87 1.15 8.69
CA PRO B 159 29.54 0.68 9.07
C PRO B 159 28.53 0.54 7.94
N TYR B 160 28.75 1.25 6.82
CA TYR B 160 27.85 1.16 5.68
C TYR B 160 28.40 0.29 4.55
N PHE B 161 29.33 -0.63 4.87
CA PHE B 161 29.90 -1.49 3.83
C PHE B 161 28.83 -2.36 3.19
N THR B 162 27.87 -2.90 3.95
CA THR B 162 26.78 -3.68 3.38
C THR B 162 25.76 -2.83 2.60
N GLU B 163 25.81 -1.50 2.71
CA GLU B 163 25.15 -0.61 1.75
C GLU B 163 25.92 -0.52 0.41
N LEU B 164 27.23 -0.39 0.54
CA LEU B 164 28.14 -0.38 -0.61
C LEU B 164 28.02 -1.69 -1.40
N THR B 165 27.93 -2.84 -0.72
CA THR B 165 27.83 -4.09 -1.47
C THR B 165 26.48 -4.29 -2.16
N ALA B 166 25.51 -3.39 -1.89
CA ALA B 166 24.28 -3.35 -2.65
C ALA B 166 24.32 -2.30 -3.78
N PHE B 167 25.45 -1.61 -3.93
CA PHE B 167 25.58 -0.57 -4.95
C PHE B 167 26.03 -1.22 -6.26
N TYR B 168 25.68 -0.64 -7.40
CA TYR B 168 25.88 -1.39 -8.62
C TYR B 168 27.35 -1.61 -8.98
N THR B 169 28.31 -0.81 -8.55
CA THR B 169 29.73 -1.03 -8.85
C THR B 169 30.17 -2.36 -8.20
N TYR B 170 29.46 -2.74 -7.13
CA TYR B 170 29.77 -3.99 -6.42
C TYR B 170 29.03 -5.21 -6.94
N MET B 171 28.26 -5.10 -8.02
CA MET B 171 27.55 -6.23 -8.60
C MET B 171 28.61 -7.20 -9.14
N PRO B 172 28.31 -8.50 -9.11
CA PRO B 172 29.11 -9.50 -9.84
C PRO B 172 28.81 -9.31 -11.32
N ILE B 173 29.71 -9.83 -12.16
CA ILE B 173 29.47 -10.01 -13.58
C ILE B 173 29.91 -11.43 -13.90
N ASN B 174 29.41 -11.97 -14.99
CA ASN B 174 29.73 -13.36 -15.34
C ASN B 174 31.16 -13.40 -15.90
N LYS B 175 32.09 -13.89 -15.08
CA LYS B 175 33.50 -13.84 -15.42
C LYS B 175 33.78 -14.64 -16.72
N LYS B 176 33.15 -15.81 -16.85
CA LYS B 176 33.43 -16.69 -18.00
C LYS B 176 33.07 -15.96 -19.30
N ILE B 177 31.87 -15.38 -19.31
CA ILE B 177 31.46 -14.63 -20.49
C ILE B 177 32.29 -13.38 -20.67
N ALA B 178 32.59 -12.62 -19.62
CA ALA B 178 33.32 -11.38 -19.75
C ALA B 178 34.74 -11.58 -20.31
N GLU B 179 35.37 -12.72 -19.97
CA GLU B 179 36.70 -13.03 -20.48
C GLU B 179 36.63 -13.43 -21.97
N LYS B 180 35.58 -14.14 -22.36
CA LYS B 180 35.36 -14.56 -23.74
C LYS B 180 35.04 -13.35 -24.61
N ASN B 181 34.07 -12.54 -24.14
CA ASN B 181 33.54 -11.43 -24.93
C ASN B 181 33.67 -10.12 -24.15
N LYS B 182 34.71 -9.34 -24.43
CA LYS B 182 34.96 -8.10 -23.72
C LYS B 182 33.90 -7.03 -24.02
N LYS B 183 33.05 -7.25 -25.02
CA LYS B 183 32.00 -6.29 -25.32
C LYS B 183 30.65 -6.88 -24.94
N TRP B 184 30.65 -7.83 -23.97
CA TRP B 184 29.41 -8.50 -23.57
C TRP B 184 28.33 -7.50 -23.16
N ASN B 185 28.70 -6.38 -22.56
CA ASN B 185 27.73 -5.49 -21.92
C ASN B 185 27.04 -4.60 -22.93
N THR B 186 27.44 -4.65 -24.22
CA THR B 186 27.04 -3.62 -25.17
C THR B 186 25.70 -3.89 -25.87
N ASN B 187 25.13 -5.07 -25.75
CA ASN B 187 23.91 -5.48 -26.41
C ASN B 187 23.22 -6.56 -25.57
N ALA B 188 21.90 -6.65 -25.70
CA ALA B 188 21.20 -7.83 -25.22
C ALA B 188 21.61 -9.02 -26.08
N GLY B 189 21.48 -10.20 -25.52
CA GLY B 189 21.68 -11.44 -26.26
C GLY B 189 22.32 -12.47 -25.36
N ASP B 190 22.83 -13.53 -25.98
CA ASP B 190 23.27 -14.69 -25.23
C ASP B 190 24.43 -14.35 -24.31
N ASP B 191 25.22 -13.31 -24.62
CA ASP B 191 26.38 -12.97 -23.83
C ASP B 191 26.07 -11.91 -22.76
N TYR B 192 24.79 -11.48 -22.65
CA TYR B 192 24.39 -10.56 -21.61
C TYR B 192 23.59 -11.35 -20.61
N VAL B 193 24.25 -11.74 -19.52
CA VAL B 193 23.62 -12.55 -18.51
C VAL B 193 23.75 -11.82 -17.16
N SER B 194 22.71 -12.00 -16.33
CA SER B 194 22.64 -11.27 -15.09
C SER B 194 22.02 -12.18 -14.03
N ASN B 195 22.01 -11.74 -12.77
CA ASN B 195 21.66 -12.63 -11.67
C ASN B 195 20.53 -12.11 -10.80
N GLY B 196 19.87 -11.02 -11.25
CA GLY B 196 18.90 -10.36 -10.40
C GLY B 196 17.50 -10.86 -10.70
N PRO B 197 16.49 -10.19 -10.10
CA PRO B 197 15.12 -10.65 -10.24
C PRO B 197 14.56 -10.62 -11.64
N PHE B 198 15.10 -9.72 -12.48
CA PHE B 198 14.74 -9.61 -13.86
C PHE B 198 15.99 -9.79 -14.72
N LYS B 199 15.77 -10.13 -15.98
CA LYS B 199 16.83 -10.26 -16.98
C LYS B 199 16.45 -9.45 -18.20
N MET B 200 17.48 -8.94 -18.90
CA MET B 200 17.26 -8.10 -20.06
C MET B 200 17.16 -8.98 -21.30
N THR B 201 15.99 -8.98 -21.97
CA THR B 201 15.79 -9.85 -23.11
C THR B 201 15.84 -9.07 -24.42
N ALA B 202 15.79 -7.74 -24.39
CA ALA B 202 15.88 -6.94 -25.59
C ALA B 202 16.37 -5.56 -25.20
N TRP B 203 17.11 -4.93 -26.12
CA TRP B 203 17.63 -3.57 -25.96
C TRP B 203 17.82 -2.96 -27.33
N LYS B 204 16.90 -2.07 -27.70
CA LYS B 204 17.02 -1.33 -28.94
C LYS B 204 17.62 0.00 -28.51
N HIS B 205 18.84 0.26 -28.91
CA HIS B 205 19.59 1.40 -28.42
C HIS B 205 18.84 2.67 -28.77
N SER B 206 18.71 3.54 -27.77
CA SER B 206 17.95 4.79 -27.85
C SER B 206 16.46 4.56 -28.15
N GLY B 207 15.99 3.33 -28.03
CA GLY B 207 14.58 2.98 -28.29
C GLY B 207 13.87 2.47 -27.04
N SER B 208 14.28 1.29 -26.57
CA SER B 208 13.61 0.64 -25.45
C SER B 208 14.47 -0.49 -24.90
N ILE B 209 14.15 -0.87 -23.68
CA ILE B 209 14.73 -2.06 -23.05
C ILE B 209 13.55 -2.90 -22.57
N THR B 210 13.60 -4.21 -22.82
CA THR B 210 12.63 -5.17 -22.28
C THR B 210 13.29 -6.05 -21.22
N LEU B 211 12.70 -6.06 -20.01
CA LEU B 211 13.11 -6.92 -18.91
C LEU B 211 12.02 -7.97 -18.68
N GLU B 212 12.44 -9.18 -18.35
CA GLU B 212 11.52 -10.26 -18.04
C GLU B 212 11.94 -10.91 -16.72
N LYS B 213 10.95 -11.42 -15.99
CA LYS B 213 11.24 -12.16 -14.77
C LYS B 213 12.31 -13.22 -15.07
N ASN B 214 13.33 -13.28 -14.20
CA ASN B 214 14.43 -14.21 -14.36
C ASN B 214 14.10 -15.50 -13.61
N ASP B 215 13.76 -16.57 -14.35
CA ASP B 215 13.39 -17.83 -13.69
C ASP B 215 14.57 -18.55 -13.03
N GLN B 216 15.81 -18.04 -13.14
CA GLN B 216 16.97 -18.61 -12.47
C GLN B 216 17.27 -17.85 -11.19
N TYR B 217 16.49 -16.80 -10.87
CA TYR B 217 16.76 -15.98 -9.69
C TYR B 217 16.35 -16.76 -8.45
N TRP B 218 17.18 -16.70 -7.41
CA TRP B 218 16.96 -17.52 -6.23
C TRP B 218 15.64 -17.19 -5.53
N ASP B 219 15.27 -15.90 -5.54
CA ASP B 219 14.12 -15.43 -4.78
C ASP B 219 12.95 -15.18 -5.74
N LYS B 220 12.88 -15.93 -6.86
CA LYS B 220 11.90 -15.71 -7.91
C LYS B 220 10.46 -15.83 -7.39
N ASP B 221 10.26 -16.59 -6.29
CA ASP B 221 8.87 -16.77 -5.86
C ASP B 221 8.31 -15.51 -5.25
N LYS B 222 9.18 -14.53 -4.93
CA LYS B 222 8.78 -13.25 -4.37
C LYS B 222 8.74 -12.15 -5.44
N VAL B 223 9.01 -12.53 -6.69
CA VAL B 223 8.95 -11.61 -7.82
C VAL B 223 7.61 -11.88 -8.52
N LYS B 224 6.80 -10.83 -8.70
CA LYS B 224 5.42 -10.97 -9.14
C LYS B 224 5.18 -10.44 -10.56
N LEU B 225 5.95 -9.41 -10.95
CA LEU B 225 5.90 -8.94 -12.33
C LEU B 225 6.62 -9.91 -13.26
N LYS B 226 6.11 -10.04 -14.49
CA LYS B 226 6.69 -10.93 -15.49
C LYS B 226 7.49 -10.15 -16.53
N LYS B 227 7.14 -8.88 -16.74
CA LYS B 227 7.82 -8.08 -17.74
C LYS B 227 7.88 -6.62 -17.29
N ILE B 228 9.00 -5.96 -17.59
CA ILE B 228 9.07 -4.52 -17.47
C ILE B 228 9.49 -3.98 -18.83
N ASP B 229 8.64 -3.16 -19.44
CA ASP B 229 8.93 -2.52 -20.71
C ASP B 229 9.30 -1.05 -20.47
N MET B 230 10.56 -0.74 -20.78
CA MET B 230 11.15 0.55 -20.52
C MET B 230 11.34 1.30 -21.82
N VAL B 231 10.59 2.39 -22.00
CA VAL B 231 10.73 3.19 -23.20
C VAL B 231 11.72 4.31 -22.92
N MET B 232 12.09 5.05 -23.97
CA MET B 232 13.10 6.09 -23.85
C MET B 232 12.59 7.36 -24.52
N ILE B 233 11.66 8.02 -23.81
CA ILE B 233 11.00 9.21 -24.30
C ILE B 233 11.45 10.40 -23.47
N ASN B 234 12.20 11.29 -24.10
CA ASN B 234 12.78 12.39 -23.36
C ASN B 234 11.86 13.63 -23.37
N ASN B 235 10.61 13.45 -23.81
CA ASN B 235 9.61 14.53 -23.83
C ASN B 235 8.63 14.32 -22.70
N ASN B 236 8.65 15.20 -21.71
CA ASN B 236 7.93 14.97 -20.47
C ASN B 236 6.42 15.06 -20.74
N ASN B 237 6.05 15.94 -21.68
CA ASN B 237 4.64 16.09 -22.08
C ASN B 237 4.10 14.78 -22.67
N THR B 238 4.93 14.08 -23.44
CA THR B 238 4.52 12.82 -24.04
C THR B 238 4.40 11.74 -22.96
N GLU B 239 5.36 11.70 -22.03
CA GLU B 239 5.30 10.74 -20.94
C GLU B 239 3.99 10.89 -20.13
N LEU B 240 3.58 12.12 -19.82
CA LEU B 240 2.34 12.30 -19.07
C LEU B 240 1.16 11.91 -19.95
N LYS B 241 1.17 12.28 -21.23
CA LYS B 241 0.04 11.94 -22.10
C LYS B 241 -0.16 10.42 -22.14
N LYS B 242 0.95 9.67 -22.25
CA LYS B 242 0.87 8.23 -22.33
C LYS B 242 0.37 7.64 -21.01
N PHE B 243 0.78 8.24 -19.90
CA PHE B 243 0.32 7.82 -18.59
C PHE B 243 -1.20 7.99 -18.54
N GLN B 244 -1.67 9.15 -19.01
CA GLN B 244 -3.08 9.50 -18.85
C GLN B 244 -3.96 8.60 -19.72
N ALA B 245 -3.38 8.09 -20.81
CA ALA B 245 -4.02 7.14 -21.71
C ALA B 245 -3.82 5.68 -21.29
N GLY B 246 -3.21 5.44 -20.11
CA GLY B 246 -2.97 4.08 -19.58
C GLY B 246 -1.86 3.28 -20.28
N GLU B 247 -1.06 3.91 -21.16
CA GLU B 247 0.00 3.22 -21.90
C GLU B 247 1.30 3.18 -21.09
N LEU B 248 1.42 4.01 -20.03
CA LEU B 248 2.43 3.88 -19.00
C LEU B 248 1.75 3.74 -17.65
N ASP B 249 2.42 3.06 -16.72
CA ASP B 249 1.87 2.82 -15.41
C ASP B 249 2.40 3.82 -14.39
N TRP B 250 3.31 4.70 -14.86
CA TRP B 250 4.06 5.63 -14.06
C TRP B 250 4.38 6.82 -14.98
N ALA B 251 4.37 8.01 -14.38
CA ALA B 251 4.91 9.21 -15.03
C ALA B 251 5.63 10.01 -13.97
N GLY B 252 6.93 10.24 -14.22
CA GLY B 252 7.76 10.97 -13.31
C GLY B 252 8.93 10.16 -12.73
N MET B 253 9.51 10.74 -11.71
CA MET B 253 10.77 10.27 -11.13
C MET B 253 10.54 8.98 -10.34
N PRO B 254 11.58 8.18 -9.96
CA PRO B 254 12.98 8.42 -10.31
C PRO B 254 13.40 8.30 -11.78
N LEU B 255 12.71 7.51 -12.59
CA LEU B 255 13.26 7.12 -13.90
C LEU B 255 12.74 7.99 -15.03
N GLY B 256 11.49 8.50 -14.88
CA GLY B 256 10.87 9.38 -15.85
C GLY B 256 10.83 10.81 -15.31
N GLN B 257 10.00 11.66 -15.92
CA GLN B 257 9.94 13.05 -15.48
C GLN B 257 8.63 13.69 -15.97
N LEU B 258 7.93 14.31 -15.00
CA LEU B 258 6.71 15.04 -15.27
C LEU B 258 7.07 16.39 -15.85
N PRO B 259 6.23 16.93 -16.74
CA PRO B 259 6.36 18.33 -17.13
C PRO B 259 6.22 19.25 -15.91
N THR B 260 7.08 20.27 -15.81
CA THR B 260 7.06 21.16 -14.64
C THR B 260 5.69 21.85 -14.53
N GLU B 261 5.07 22.16 -15.69
CA GLU B 261 3.81 22.89 -15.75
C GLU B 261 2.62 22.03 -15.31
N SER B 262 2.76 20.70 -15.24
CA SER B 262 1.69 19.81 -14.83
C SER B 262 1.59 19.73 -13.31
N LEU B 263 2.64 20.15 -12.60
CA LEU B 263 2.82 19.79 -11.20
C LEU B 263 1.75 20.44 -10.32
N PRO B 264 1.38 21.75 -10.51
CA PRO B 264 0.26 22.31 -9.74
C PRO B 264 -1.09 21.59 -9.87
N THR B 265 -1.48 21.22 -11.09
CA THR B 265 -2.73 20.50 -11.33
C THR B 265 -2.76 19.13 -10.64
N LEU B 266 -1.66 18.38 -10.74
CA LEU B 266 -1.58 17.06 -10.13
C LEU B 266 -1.49 17.16 -8.60
N LYS B 267 -0.86 18.20 -8.08
CA LYS B 267 -0.90 18.46 -6.64
C LYS B 267 -2.35 18.69 -6.21
N LYS B 268 -3.06 19.49 -7.03
CA LYS B 268 -4.41 19.93 -6.70
C LYS B 268 -5.36 18.74 -6.61
N ASP B 269 -5.30 17.83 -7.60
CA ASP B 269 -6.21 16.69 -7.67
C ASP B 269 -5.76 15.60 -6.67
N GLY B 270 -4.63 15.78 -6.02
CA GLY B 270 -4.20 14.90 -4.92
C GLY B 270 -3.41 13.68 -5.38
N SER B 271 -3.18 13.52 -6.70
CA SER B 271 -2.57 12.31 -7.28
C SER B 271 -1.04 12.38 -7.29
N LEU B 272 -0.46 13.56 -7.09
CA LEU B 272 1.00 13.71 -7.14
C LEU B 272 1.67 13.20 -5.87
N HIS B 273 2.69 12.35 -6.05
CA HIS B 273 3.57 12.02 -4.95
C HIS B 273 4.77 12.94 -5.00
N VAL B 274 5.18 13.39 -3.81
CA VAL B 274 6.28 14.33 -3.64
C VAL B 274 7.04 13.93 -2.39
N GLU B 275 8.33 13.66 -2.53
CA GLU B 275 9.11 13.21 -1.40
C GLU B 275 10.49 13.79 -1.51
N PRO B 276 11.03 14.38 -0.44
CA PRO B 276 12.43 14.75 -0.42
C PRO B 276 13.32 13.50 -0.48
N ILE B 277 14.45 13.64 -1.20
CA ILE B 277 15.42 12.55 -1.29
C ILE B 277 16.82 13.12 -1.09
N ALA B 278 17.81 12.25 -0.86
CA ALA B 278 19.18 12.69 -0.59
C ALA B 278 19.82 12.93 -1.95
N GLY B 279 19.58 14.10 -2.52
CA GLY B 279 20.13 14.49 -3.82
C GLY B 279 20.29 16.00 -3.90
N VAL B 280 21.30 16.41 -4.66
CA VAL B 280 21.63 17.80 -4.86
C VAL B 280 21.78 18.07 -6.36
N TYR B 281 21.23 19.22 -6.81
CA TYR B 281 21.40 19.78 -8.13
C TYR B 281 22.40 20.92 -8.08
N TRP B 282 23.45 20.83 -8.92
CA TRP B 282 24.50 21.82 -8.90
C TRP B 282 25.06 22.03 -10.31
N TYR B 283 25.65 23.22 -10.50
CA TYR B 283 26.46 23.52 -11.67
C TYR B 283 27.91 23.30 -11.31
N LYS B 284 28.52 22.33 -11.98
CA LYS B 284 29.94 22.11 -11.76
C LYS B 284 30.72 23.12 -12.56
N PHE B 285 31.80 23.62 -11.96
CA PHE B 285 32.76 24.47 -12.61
C PHE B 285 34.03 23.72 -12.98
N ASN B 286 34.45 23.89 -14.24
CA ASN B 286 35.75 23.39 -14.67
C ASN B 286 36.78 24.43 -14.21
N THR B 287 37.36 24.18 -13.04
CA THR B 287 38.29 25.10 -12.43
C THR B 287 39.62 25.21 -13.19
N GLU B 288 39.77 24.46 -14.27
CA GLU B 288 40.96 24.58 -15.11
C GLU B 288 40.64 25.28 -16.44
N ALA B 289 39.44 25.82 -16.58
CA ALA B 289 39.01 26.50 -17.79
C ALA B 289 38.70 27.96 -17.47
N LYS B 290 39.42 28.89 -18.09
CA LYS B 290 39.22 30.29 -17.78
C LYS B 290 37.81 30.66 -18.20
N PRO B 291 37.11 31.57 -17.51
CA PRO B 291 37.52 32.24 -16.27
C PRO B 291 37.12 31.55 -14.97
N LEU B 292 36.73 30.28 -15.04
CA LEU B 292 36.26 29.55 -13.88
C LEU B 292 37.46 29.05 -13.08
N ASP B 293 38.67 29.29 -13.55
CA ASP B 293 39.85 29.07 -12.70
C ASP B 293 39.96 30.12 -11.59
N ASN B 294 39.18 31.20 -11.67
CA ASN B 294 39.24 32.25 -10.67
C ASN B 294 38.12 32.10 -9.66
N VAL B 295 38.46 31.89 -8.38
CA VAL B 295 37.48 31.54 -7.39
C VAL B 295 36.46 32.67 -7.21
N ASN B 296 36.90 33.91 -7.42
CA ASN B 296 36.01 35.05 -7.25
C ASN B 296 34.93 35.03 -8.32
N ILE B 297 35.28 34.62 -9.54
CA ILE B 297 34.27 34.46 -10.57
C ILE B 297 33.32 33.32 -10.22
N ARG B 298 33.83 32.15 -9.74
CA ARG B 298 32.92 31.07 -9.37
C ARG B 298 31.90 31.57 -8.33
N LYS B 299 32.37 32.29 -7.30
CA LYS B 299 31.50 32.74 -6.23
C LYS B 299 30.50 33.79 -6.71
N ALA B 300 30.93 34.67 -7.62
CA ALA B 300 30.01 35.65 -8.20
C ALA B 300 28.86 34.93 -8.87
N LEU B 301 29.17 33.89 -9.67
CA LEU B 301 28.14 33.16 -10.39
C LEU B 301 27.24 32.41 -9.44
N THR B 302 27.80 31.93 -8.32
CA THR B 302 27.07 31.12 -7.39
C THR B 302 26.15 32.00 -6.53
N TYR B 303 26.70 33.11 -6.03
CA TYR B 303 25.98 33.96 -5.08
C TYR B 303 24.83 34.74 -5.73
N SER B 304 24.88 34.95 -7.04
CA SER B 304 23.89 35.73 -7.78
C SER B 304 22.66 34.92 -8.16
N LEU B 305 22.58 33.61 -7.82
CA LEU B 305 21.41 32.80 -8.14
C LEU B 305 20.29 33.09 -7.15
N ASP B 306 19.05 32.98 -7.66
CA ASP B 306 17.84 33.05 -6.85
C ASP B 306 17.19 31.69 -6.86
N ARG B 307 17.66 30.85 -5.95
CA ARG B 307 17.23 29.48 -5.87
C ARG B 307 15.73 29.37 -5.52
N GLN B 308 15.24 30.30 -4.67
CA GLN B 308 13.83 30.30 -4.32
C GLN B 308 12.99 30.45 -5.58
N SER B 309 13.39 31.35 -6.46
CA SER B 309 12.63 31.55 -7.68
C SER B 309 12.72 30.33 -8.58
N ILE B 310 13.92 29.73 -8.70
CA ILE B 310 14.00 28.48 -9.44
C ILE B 310 13.00 27.43 -8.94
N VAL B 311 13.01 27.14 -7.63
CA VAL B 311 12.25 25.99 -7.13
C VAL B 311 10.74 26.29 -7.16
N LYS B 312 10.37 27.54 -6.90
CA LYS B 312 8.96 27.92 -6.89
C LYS B 312 8.39 28.11 -8.29
N ASN B 313 9.16 28.69 -9.21
CA ASN B 313 8.58 29.09 -10.48
C ASN B 313 9.01 28.25 -11.66
N VAL B 314 10.20 27.60 -11.59
CA VAL B 314 10.73 26.86 -12.73
C VAL B 314 10.47 25.38 -12.50
N THR B 315 10.98 24.80 -11.41
CA THR B 315 10.81 23.35 -11.21
C THR B 315 9.43 23.01 -10.62
N GLN B 316 9.00 23.75 -9.58
CA GLN B 316 7.65 23.63 -9.04
C GLN B 316 7.41 22.29 -8.35
N GLY B 317 8.47 21.62 -7.85
CA GLY B 317 8.29 20.31 -7.21
C GLY B 317 8.71 20.28 -5.73
N GLU B 318 8.60 21.40 -5.03
CA GLU B 318 8.85 21.50 -3.59
C GLU B 318 10.31 21.24 -3.24
N GLN B 319 11.20 21.36 -4.23
CA GLN B 319 12.62 21.33 -3.91
C GLN B 319 12.98 22.50 -3.02
N ILE B 320 14.00 22.32 -2.19
CA ILE B 320 14.48 23.43 -1.38
C ILE B 320 15.82 23.97 -1.86
N PRO B 321 16.05 25.29 -1.73
CA PRO B 321 17.33 25.92 -2.05
C PRO B 321 18.53 25.27 -1.36
N ALA B 322 19.59 25.00 -2.15
CA ALA B 322 20.81 24.42 -1.63
C ALA B 322 21.94 25.44 -1.72
N MET B 323 22.56 25.66 -0.57
CA MET B 323 23.70 26.54 -0.37
C MET B 323 24.69 25.73 0.45
N ALA B 324 24.85 24.48 -0.02
CA ALA B 324 25.60 23.43 0.66
C ALA B 324 25.66 22.23 -0.29
N ALA B 325 26.51 21.26 0.06
CA ALA B 325 26.67 20.03 -0.70
C ALA B 325 25.87 18.87 -0.15
N VAL B 326 25.78 18.72 1.18
CA VAL B 326 25.17 17.56 1.79
C VAL B 326 23.70 17.83 2.08
N PRO B 327 22.75 17.01 1.59
CA PRO B 327 21.32 17.27 1.78
C PRO B 327 21.00 17.23 3.27
N PRO B 328 20.01 18.04 3.69
CA PRO B 328 19.63 18.05 5.10
C PRO B 328 18.74 16.89 5.55
N THR B 329 18.34 16.00 4.60
CA THR B 329 17.70 14.74 4.94
C THR B 329 18.72 13.79 5.58
N MET B 330 20.03 14.11 5.49
CA MET B 330 21.09 13.34 6.10
C MET B 330 21.13 13.67 7.60
N LYS B 331 21.01 12.64 8.44
CA LYS B 331 21.10 12.80 9.89
C LYS B 331 22.41 13.52 10.25
N GLY B 332 22.30 14.61 11.04
CA GLY B 332 23.45 15.44 11.40
C GLY B 332 23.56 16.74 10.58
N PHE B 333 22.97 16.77 9.37
CA PHE B 333 23.21 17.87 8.44
C PHE B 333 21.93 18.66 8.18
N GLU B 334 21.00 18.66 9.14
CA GLU B 334 19.69 19.30 9.00
C GLU B 334 19.82 20.82 8.92
N ASP B 335 20.93 21.36 9.45
CA ASP B 335 21.34 22.75 9.33
C ASP B 335 21.61 23.17 7.88
N ASN B 336 21.71 22.21 6.96
CA ASN B 336 22.02 22.59 5.58
C ASN B 336 20.78 23.08 4.84
N LYS B 337 19.60 23.12 5.49
CA LYS B 337 18.44 23.84 4.99
C LYS B 337 18.81 25.31 4.85
N GLU B 338 19.58 25.83 5.82
CA GLU B 338 20.00 27.22 5.84
C GLU B 338 21.25 27.44 4.99
N GLY B 339 22.20 26.51 5.08
CA GLY B 339 23.36 26.57 4.19
C GLY B 339 24.43 27.51 4.70
N TYR B 340 25.48 27.67 3.89
CA TYR B 340 26.72 28.33 4.22
C TYR B 340 26.71 29.79 3.80
N PHE B 341 25.74 30.19 2.98
CA PHE B 341 25.68 31.54 2.43
C PHE B 341 24.23 31.85 2.06
N LYS B 342 23.94 33.14 1.85
CA LYS B 342 22.57 33.60 1.60
C LYS B 342 22.19 33.33 0.15
N ASP B 343 20.99 32.80 -0.07
CA ASP B 343 20.42 32.70 -1.40
C ASP B 343 20.23 34.13 -1.91
N ASN B 344 20.33 34.27 -3.23
CA ASN B 344 19.98 35.51 -3.93
C ASN B 344 20.72 36.71 -3.34
N ASP B 345 22.05 36.61 -3.20
CA ASP B 345 22.89 37.62 -2.56
C ASP B 345 23.72 38.36 -3.60
N VAL B 346 23.03 39.23 -4.34
CA VAL B 346 23.65 39.91 -5.46
C VAL B 346 24.74 40.85 -5.01
N LYS B 347 24.53 41.53 -3.88
CA LYS B 347 25.52 42.47 -3.40
C LYS B 347 26.88 41.79 -3.21
N THR B 348 26.85 40.61 -2.56
CA THR B 348 28.10 39.90 -2.31
C THR B 348 28.65 39.39 -3.65
N ALA B 349 27.74 38.92 -4.52
CA ALA B 349 28.14 38.38 -5.81
C ALA B 349 28.92 39.43 -6.61
N LYS B 350 28.40 40.68 -6.59
CA LYS B 350 29.07 41.75 -7.32
C LYS B 350 30.43 42.10 -6.73
N GLU B 351 30.63 41.98 -5.41
CA GLU B 351 31.93 42.23 -4.80
C GLU B 351 32.97 41.20 -5.25
N TYR B 352 32.52 39.93 -5.30
CA TYR B 352 33.38 38.89 -5.84
C TYR B 352 33.69 39.13 -7.32
N LEU B 353 32.68 39.48 -8.10
CA LEU B 353 32.92 39.75 -9.51
C LEU B 353 34.04 40.80 -9.71
N GLU B 354 33.94 41.90 -8.95
CA GLU B 354 34.89 43.00 -9.04
C GLU B 354 36.28 42.51 -8.69
N LYS B 355 36.41 41.68 -7.61
CA LYS B 355 37.72 41.18 -7.22
C LYS B 355 38.32 40.34 -8.37
N GLY B 356 37.47 39.47 -8.95
CA GLY B 356 37.86 38.62 -10.07
C GLY B 356 38.29 39.39 -11.32
N LEU B 357 37.48 40.39 -11.72
CA LEU B 357 37.85 41.19 -12.86
C LEU B 357 39.20 41.88 -12.65
N LYS B 358 39.40 42.46 -11.45
CA LYS B 358 40.62 43.20 -11.15
C LYS B 358 41.83 42.28 -11.22
N GLU B 359 41.70 41.03 -10.73
CA GLU B 359 42.80 40.08 -10.84
C GLU B 359 43.14 39.77 -12.29
N MET B 360 42.16 39.85 -13.21
CA MET B 360 42.40 39.59 -14.62
C MET B 360 42.81 40.84 -15.39
N GLY B 361 42.78 42.00 -14.73
CA GLY B 361 43.11 43.28 -15.34
C GLY B 361 41.97 43.84 -16.21
N LEU B 362 40.74 43.38 -15.92
CA LEU B 362 39.55 43.79 -16.65
C LEU B 362 38.73 44.74 -15.77
N SER B 363 37.93 45.58 -16.44
CA SER B 363 37.05 46.54 -15.78
C SER B 363 35.59 46.12 -15.86
N LYS B 364 35.19 45.50 -16.97
CA LYS B 364 33.80 45.22 -17.20
C LYS B 364 33.58 43.73 -17.33
N ALA B 365 32.41 43.31 -16.83
CA ALA B 365 31.93 41.93 -16.96
C ALA B 365 31.84 41.52 -18.44
N SER B 366 31.52 42.43 -19.37
CA SER B 366 31.39 42.07 -20.77
C SER B 366 32.73 41.78 -21.42
N ASP B 367 33.85 42.09 -20.73
CA ASP B 367 35.16 41.78 -21.26
C ASP B 367 35.69 40.39 -20.81
N LEU B 368 34.94 39.68 -19.97
CA LEU B 368 35.27 38.29 -19.66
C LEU B 368 35.33 37.48 -20.96
N PRO B 369 36.17 36.43 -20.96
CA PRO B 369 36.19 35.44 -22.02
C PRO B 369 34.77 34.88 -22.19
N LYS B 370 34.52 34.29 -23.36
CA LYS B 370 33.24 33.61 -23.59
C LYS B 370 33.04 32.53 -22.53
N ILE B 371 31.82 32.45 -21.97
CA ILE B 371 31.44 31.39 -21.04
C ILE B 371 30.28 30.59 -21.62
N LYS B 372 30.44 29.29 -21.65
CA LYS B 372 29.40 28.37 -22.07
C LYS B 372 28.85 27.57 -20.89
N LEU B 373 27.51 27.56 -20.76
CA LEU B 373 26.81 26.75 -19.79
C LEU B 373 26.20 25.57 -20.51
N SER B 374 26.67 24.38 -20.13
CA SER B 374 26.28 23.13 -20.72
C SER B 374 25.29 22.40 -19.83
N TYR B 375 24.42 21.62 -20.46
CA TYR B 375 23.55 20.68 -19.77
C TYR B 375 23.18 19.54 -20.67
N ASN B 376 22.56 18.50 -20.10
CA ASN B 376 22.06 17.41 -20.86
C ASN B 376 20.65 17.76 -21.35
N THR B 377 20.36 17.39 -22.57
CA THR B 377 19.08 17.69 -23.23
C THR B 377 17.92 17.27 -22.32
N ASP B 378 17.02 18.24 -22.01
CA ASP B 378 15.98 18.05 -20.98
C ASP B 378 15.19 19.35 -20.85
N ASP B 379 13.84 19.26 -20.83
CA ASP B 379 13.04 20.48 -20.77
C ASP B 379 13.28 21.25 -19.46
N ALA B 380 13.34 20.53 -18.32
CA ALA B 380 13.56 21.21 -17.05
C ALA B 380 14.98 21.82 -16.97
N HIS B 381 16.04 21.10 -17.37
CA HIS B 381 17.34 21.73 -17.29
C HIS B 381 17.45 22.95 -18.20
N ALA B 382 16.81 22.88 -19.38
CA ALA B 382 16.81 23.99 -20.30
C ALA B 382 16.15 25.20 -19.65
N LYS B 383 15.01 25.00 -19.00
CA LYS B 383 14.29 26.10 -18.36
C LYS B 383 15.10 26.66 -17.21
N ILE B 384 15.79 25.79 -16.42
CA ILE B 384 16.65 26.27 -15.37
C ILE B 384 17.82 27.07 -15.93
N ALA B 385 18.48 26.56 -16.99
CA ALA B 385 19.64 27.22 -17.58
C ALA B 385 19.24 28.60 -18.10
N GLN B 386 18.05 28.69 -18.72
CA GLN B 386 17.55 29.98 -19.19
C GLN B 386 17.35 30.97 -18.05
N ALA B 387 16.81 30.46 -16.94
CA ALA B 387 16.55 31.29 -15.77
C ALA B 387 17.88 31.75 -15.18
N VAL B 388 18.88 30.85 -15.10
CA VAL B 388 20.17 31.25 -14.56
C VAL B 388 20.90 32.22 -15.51
N GLN B 389 20.82 31.95 -16.80
CA GLN B 389 21.38 32.80 -17.84
C GLN B 389 20.85 34.23 -17.65
N GLU B 390 19.54 34.36 -17.38
CA GLU B 390 18.94 35.67 -17.15
C GLU B 390 19.45 36.30 -15.85
N MET B 391 19.63 35.50 -14.79
CA MET B 391 20.12 36.00 -13.53
C MET B 391 21.53 36.56 -13.67
N TRP B 392 22.40 35.86 -14.39
CA TRP B 392 23.77 36.32 -14.59
C TRP B 392 23.79 37.60 -15.44
N LYS B 393 22.98 37.63 -16.49
CA LYS B 393 22.91 38.79 -17.38
C LYS B 393 22.45 40.03 -16.59
N LYS B 394 21.30 39.91 -15.92
CA LYS B 394 20.70 40.98 -15.11
C LYS B 394 21.55 41.42 -13.92
N ASN B 395 21.98 40.46 -13.09
CA ASN B 395 22.57 40.77 -11.79
C ASN B 395 24.09 41.03 -11.91
N LEU B 396 24.77 40.45 -12.92
CA LEU B 396 26.22 40.58 -13.05
C LEU B 396 26.66 41.23 -14.36
N GLY B 397 25.78 41.30 -15.36
CA GLY B 397 26.23 41.76 -16.66
C GLY B 397 27.11 40.73 -17.38
N VAL B 398 26.93 39.45 -16.98
CA VAL B 398 27.69 38.35 -17.56
C VAL B 398 26.80 37.63 -18.54
N ASP B 399 27.33 37.46 -19.76
CA ASP B 399 26.65 36.70 -20.76
C ASP B 399 27.23 35.29 -20.81
N VAL B 400 26.32 34.30 -20.83
CA VAL B 400 26.73 32.95 -21.12
C VAL B 400 25.95 32.43 -22.32
N GLU B 401 26.55 31.51 -23.05
CA GLU B 401 25.89 30.81 -24.13
C GLU B 401 25.49 29.44 -23.62
N LEU B 402 24.41 28.87 -24.15
CA LEU B 402 23.92 27.57 -23.72
C LEU B 402 24.19 26.49 -24.75
N ASP B 403 24.40 25.24 -24.30
CA ASP B 403 24.47 24.11 -25.20
C ASP B 403 23.95 22.88 -24.47
N ASN B 404 23.43 21.94 -25.24
CA ASN B 404 22.87 20.73 -24.65
C ASN B 404 23.36 19.54 -25.44
N SER B 405 23.48 18.40 -24.75
CA SER B 405 23.99 17.15 -25.27
C SER B 405 23.12 16.00 -24.78
N GLU B 406 23.03 14.91 -25.55
CA GLU B 406 22.42 13.68 -25.07
C GLU B 406 23.15 13.21 -23.78
N TRP B 407 22.43 12.58 -22.85
CA TRP B 407 22.94 12.22 -21.54
C TRP B 407 24.23 11.40 -21.59
N ASN B 408 24.25 10.35 -22.37
CA ASN B 408 25.43 9.45 -22.33
C ASN B 408 26.68 10.19 -22.83
N VAL B 409 26.56 10.97 -23.92
CA VAL B 409 27.66 11.77 -24.44
C VAL B 409 28.01 12.86 -23.43
N TYR B 410 26.99 13.44 -22.74
CA TYR B 410 27.20 14.51 -21.81
C TYR B 410 28.04 14.07 -20.60
N ILE B 411 27.85 12.85 -20.10
CA ILE B 411 28.65 12.34 -18.99
C ILE B 411 30.12 12.36 -19.41
N ASP B 412 30.34 11.91 -20.65
CA ASP B 412 31.73 11.89 -21.12
C ASP B 412 32.28 13.27 -21.35
N LYS B 413 31.46 14.22 -21.81
CA LYS B 413 31.87 15.58 -22.01
C LYS B 413 32.42 16.17 -20.70
N LEU B 414 31.69 15.99 -19.60
CA LEU B 414 32.10 16.51 -18.32
C LEU B 414 33.37 15.77 -17.86
N HIS B 415 33.40 14.45 -18.01
CA HIS B 415 34.54 13.67 -17.56
C HIS B 415 35.81 14.07 -18.33
N SER B 416 35.66 14.46 -19.61
CA SER B 416 36.78 14.95 -20.43
C SER B 416 37.22 16.36 -20.04
N GLN B 417 36.45 17.04 -19.17
CA GLN B 417 36.59 18.45 -18.86
C GLN B 417 36.47 19.36 -20.09
N ASP B 418 35.63 18.94 -21.05
CA ASP B 418 35.37 19.72 -22.22
C ASP B 418 34.15 20.59 -21.98
N TYR B 419 34.27 21.43 -20.98
CA TYR B 419 33.17 22.32 -20.59
C TYR B 419 33.74 23.43 -19.70
N GLN B 420 32.89 24.44 -19.46
CA GLN B 420 33.20 25.51 -18.51
C GLN B 420 32.32 25.45 -17.26
N ILE B 421 30.99 25.48 -17.46
CA ILE B 421 30.01 25.30 -16.42
C ILE B 421 29.11 24.18 -16.91
N GLY B 422 28.83 23.17 -16.07
CA GLY B 422 28.07 22.02 -16.51
C GLY B 422 27.04 21.57 -15.48
N ARG B 423 25.77 21.57 -15.86
CA ARG B 423 24.72 21.12 -14.97
C ARG B 423 24.98 19.67 -14.57
N MET B 424 24.70 19.35 -13.30
CA MET B 424 24.64 17.95 -12.93
C MET B 424 23.74 17.78 -11.73
N GLY B 425 23.31 16.55 -11.46
CA GLY B 425 22.68 16.25 -10.18
C GLY B 425 23.40 15.06 -9.57
N TRP B 426 23.48 15.01 -8.24
CA TRP B 426 24.06 13.87 -7.53
C TRP B 426 23.08 13.28 -6.52
N LEU B 427 22.81 11.98 -6.64
CA LEU B 427 21.92 11.23 -5.76
C LEU B 427 22.76 10.33 -4.87
N GLY B 428 22.41 10.24 -3.60
CA GLY B 428 23.22 9.47 -2.69
C GLY B 428 23.24 7.97 -3.02
N ASP B 429 24.44 7.39 -2.84
CA ASP B 429 24.71 5.99 -3.16
C ASP B 429 24.48 5.12 -1.93
N PHE B 430 24.61 5.74 -0.75
CA PHE B 430 24.50 5.10 0.56
C PHE B 430 24.21 6.23 1.57
N ASN B 431 23.83 5.84 2.79
CA ASN B 431 23.26 6.77 3.76
C ASN B 431 24.37 7.30 4.67
N ASP B 432 25.26 8.11 4.10
CA ASP B 432 26.31 8.74 4.86
C ASP B 432 26.74 10.01 4.13
N PRO B 433 26.97 11.12 4.85
CA PRO B 433 27.28 12.38 4.18
C PRO B 433 28.54 12.36 3.30
N ILE B 434 29.49 11.44 3.56
CA ILE B 434 30.73 11.48 2.82
C ILE B 434 30.51 11.15 1.35
N ASN B 435 29.38 10.54 1.01
CA ASN B 435 29.13 10.23 -0.40
C ASN B 435 28.99 11.53 -1.19
N PHE B 436 28.58 12.63 -0.55
CA PHE B 436 28.40 13.90 -1.26
C PHE B 436 29.70 14.71 -1.27
N LEU B 437 30.79 14.20 -0.66
CA LEU B 437 32.04 14.90 -0.51
C LEU B 437 33.21 14.17 -1.20
N GLU B 438 33.28 12.83 -1.03
CA GLU B 438 34.50 12.12 -1.43
C GLU B 438 34.63 11.99 -2.96
N LEU B 439 33.59 12.33 -3.71
CA LEU B 439 33.74 12.40 -5.16
C LEU B 439 34.67 13.55 -5.53
N PHE B 440 34.92 14.51 -4.61
CA PHE B 440 35.78 15.65 -4.83
C PHE B 440 37.11 15.58 -4.07
N ARG B 441 37.39 14.37 -3.52
CA ARG B 441 38.62 14.20 -2.74
C ARG B 441 39.87 14.28 -3.61
N ASP B 442 39.83 13.65 -4.80
CA ASP B 442 40.95 13.62 -5.70
C ASP B 442 40.60 14.34 -6.99
N LYS B 443 41.57 15.09 -7.50
CA LYS B 443 41.40 15.84 -8.72
C LYS B 443 40.90 14.93 -9.83
N ASN B 444 41.47 13.73 -9.94
CA ASN B 444 41.07 12.85 -11.04
C ASN B 444 40.19 11.72 -10.56
N GLY B 445 39.48 11.94 -9.43
CA GLY B 445 38.40 11.10 -9.02
C GLY B 445 37.39 10.97 -10.16
N GLY B 446 36.84 9.77 -10.32
CA GLY B 446 36.02 9.42 -11.47
C GLY B 446 34.83 10.33 -11.64
N ASN B 447 34.26 10.80 -10.53
CA ASN B 447 33.05 11.66 -10.59
C ASN B 447 33.32 13.09 -10.14
N ASN B 448 34.57 13.55 -10.18
CA ASN B 448 34.96 14.90 -9.83
C ASN B 448 34.63 15.81 -11.00
N ASP B 449 35.51 15.81 -11.98
CA ASP B 449 35.38 16.52 -13.25
C ASP B 449 35.51 18.03 -13.13
N THR B 450 35.79 18.58 -11.95
CA THR B 450 36.04 20.01 -11.76
C THR B 450 37.49 20.43 -11.87
N GLY B 451 38.39 19.43 -11.86
CA GLY B 451 39.82 19.75 -11.79
C GLY B 451 40.31 20.19 -10.40
N TRP B 452 39.39 20.21 -9.41
CA TRP B 452 39.69 20.75 -8.07
C TRP B 452 40.15 19.63 -7.14
N GLU B 453 41.09 20.01 -6.27
CA GLU B 453 41.48 19.22 -5.12
C GLU B 453 42.01 20.18 -4.06
N ASN B 454 41.82 19.83 -2.80
CA ASN B 454 42.31 20.64 -1.69
C ASN B 454 42.90 19.68 -0.67
N PRO B 455 44.17 19.90 -0.30
CA PRO B 455 44.84 18.94 0.59
C PRO B 455 44.24 18.87 1.99
N GLU B 456 43.73 19.98 2.53
CA GLU B 456 43.09 19.91 3.84
C GLU B 456 41.76 19.18 3.74
N PHE B 457 40.99 19.41 2.65
CA PHE B 457 39.78 18.65 2.41
C PHE B 457 40.07 17.15 2.43
N LYS B 458 41.06 16.71 1.65
CA LYS B 458 41.40 15.31 1.55
C LYS B 458 41.81 14.74 2.90
N LYS B 459 42.66 15.53 3.62
CA LYS B 459 43.12 15.15 4.96
C LYS B 459 41.95 14.88 5.88
N LEU B 460 40.96 15.78 5.89
CA LEU B 460 39.81 15.70 6.76
C LEU B 460 38.93 14.51 6.38
N LEU B 461 38.71 14.30 5.07
CA LEU B 461 37.90 13.15 4.70
C LEU B 461 38.57 11.86 5.20
N ASN B 462 39.90 11.81 5.03
CA ASN B 462 40.67 10.62 5.37
C ASN B 462 40.60 10.40 6.89
N GLN B 463 40.75 11.48 7.66
CA GLN B 463 40.60 11.42 9.12
C GLN B 463 39.22 10.94 9.53
N SER B 464 38.18 11.37 8.81
CA SER B 464 36.79 11.01 9.14
C SER B 464 36.56 9.50 9.08
N GLN B 465 37.41 8.79 8.32
CA GLN B 465 37.23 7.37 8.10
C GLN B 465 37.94 6.53 9.17
N THR B 466 38.73 7.19 10.04
CA THR B 466 39.37 6.55 11.19
C THR B 466 38.68 6.95 12.49
N GLU B 467 37.75 7.88 12.43
CA GLU B 467 37.18 8.45 13.63
C GLU B 467 35.95 7.65 14.01
N THR B 468 36.03 6.95 15.17
CA THR B 468 34.96 6.08 15.65
C THR B 468 33.85 6.88 16.31
N ASP B 469 34.20 7.99 17.00
CA ASP B 469 33.25 8.90 17.63
C ASP B 469 32.47 9.60 16.52
N LYS B 470 31.17 9.31 16.44
CA LYS B 470 30.33 9.68 15.31
C LYS B 470 30.04 11.17 15.28
N THR B 471 30.19 11.85 16.41
CA THR B 471 29.99 13.28 16.51
C THR B 471 31.25 13.98 16.00
N LYS B 472 32.40 13.55 16.51
CA LYS B 472 33.69 14.04 16.07
C LYS B 472 33.79 13.79 14.55
N ARG B 473 33.27 12.66 14.06
CA ARG B 473 33.34 12.36 12.62
C ARG B 473 32.51 13.36 11.82
N ALA B 474 31.27 13.58 12.22
CA ALA B 474 30.40 14.51 11.52
C ALA B 474 30.98 15.93 11.51
N GLU B 475 31.65 16.32 12.61
CA GLU B 475 32.32 17.61 12.70
C GLU B 475 33.46 17.70 11.67
N LEU B 476 34.22 16.62 11.50
CA LEU B 476 35.29 16.60 10.51
C LEU B 476 34.70 16.81 9.10
N LEU B 477 33.57 16.13 8.84
CA LEU B 477 32.94 16.22 7.52
C LEU B 477 32.31 17.60 7.31
N LYS B 478 31.76 18.23 8.37
CA LYS B 478 31.23 19.57 8.22
C LYS B 478 32.35 20.58 7.98
N LYS B 479 33.52 20.37 8.58
CA LYS B 479 34.66 21.22 8.34
C LYS B 479 35.14 21.10 6.89
N ALA B 480 35.14 19.87 6.39
CA ALA B 480 35.52 19.61 5.00
C ALA B 480 34.54 20.30 4.06
N GLU B 481 33.23 20.18 4.35
CA GLU B 481 32.20 20.77 3.49
C GLU B 481 32.39 22.28 3.48
N GLY B 482 32.81 22.85 4.62
CA GLY B 482 33.08 24.29 4.70
C GLY B 482 34.18 24.75 3.75
N ILE B 483 35.28 23.96 3.68
CA ILE B 483 36.40 24.29 2.80
C ILE B 483 35.93 24.20 1.36
N PHE B 484 35.17 23.15 1.05
CA PHE B 484 34.65 22.94 -0.30
C PHE B 484 33.82 24.15 -0.71
N ILE B 485 32.87 24.56 0.14
CA ILE B 485 32.01 25.67 -0.21
C ILE B 485 32.81 26.97 -0.29
N ASP B 486 33.84 27.11 0.53
CA ASP B 486 34.69 28.31 0.48
C ASP B 486 35.49 28.39 -0.84
N GLU B 487 35.79 27.25 -1.50
CA GLU B 487 36.47 27.30 -2.80
C GLU B 487 35.53 27.07 -3.97
N MET B 488 34.23 26.88 -3.70
CA MET B 488 33.16 26.78 -4.69
C MET B 488 33.55 26.12 -6.01
N PRO B 489 33.88 24.81 -6.01
CA PRO B 489 34.14 24.13 -7.28
C PRO B 489 32.85 23.78 -7.99
N VAL B 490 31.71 23.91 -7.29
CA VAL B 490 30.39 23.74 -7.88
C VAL B 490 29.49 24.81 -7.29
N ALA B 491 28.42 25.16 -8.02
CA ALA B 491 27.37 26.04 -7.54
C ALA B 491 26.17 25.21 -7.14
N PRO B 492 25.91 24.98 -5.83
CA PRO B 492 24.70 24.29 -5.40
C PRO B 492 23.45 25.09 -5.74
N ILE B 493 22.42 24.42 -6.20
CA ILE B 493 21.17 25.09 -6.58
C ILE B 493 20.00 24.59 -5.74
N TYR B 494 19.66 23.30 -5.75
CA TYR B 494 18.55 22.83 -4.95
C TYR B 494 18.80 21.42 -4.46
N PHE B 495 18.10 21.07 -3.40
CA PHE B 495 18.04 19.69 -2.93
C PHE B 495 16.81 19.01 -3.50
N TYR B 496 16.97 17.76 -3.92
CA TYR B 496 16.03 17.09 -4.80
C TYR B 496 14.75 16.68 -4.05
N THR B 497 13.68 16.56 -4.83
CA THR B 497 12.53 15.75 -4.51
C THR B 497 12.32 14.76 -5.66
N ASP B 498 11.67 13.65 -5.31
CA ASP B 498 11.07 12.82 -6.33
C ASP B 498 9.59 13.18 -6.44
N THR B 499 9.14 13.45 -7.67
CA THR B 499 7.76 13.73 -7.99
C THR B 499 7.28 12.80 -9.08
N TRP B 500 6.11 12.15 -8.87
CA TRP B 500 5.56 11.25 -9.84
C TRP B 500 4.05 11.08 -9.62
N VAL B 501 3.44 10.55 -10.64
CA VAL B 501 2.15 9.89 -10.52
C VAL B 501 2.27 8.43 -10.97
N GLN B 502 1.35 7.59 -10.52
CA GLN B 502 1.37 6.19 -10.87
C GLN B 502 -0.04 5.61 -10.82
N ASP B 503 -0.21 4.48 -11.51
CA ASP B 503 -1.33 3.60 -11.25
C ASP B 503 -1.28 3.23 -9.76
N GLU B 504 -2.32 3.60 -8.98
CA GLU B 504 -2.29 3.36 -7.54
C GLU B 504 -2.53 1.87 -7.19
N ASN B 505 -2.87 1.08 -8.20
CA ASN B 505 -2.86 -0.38 -8.10
C ASN B 505 -1.44 -0.95 -8.01
N LEU B 506 -0.42 -0.20 -8.46
CA LEU B 506 0.97 -0.69 -8.38
C LEU B 506 1.49 -0.55 -6.95
N LYS B 507 1.68 -1.70 -6.27
CA LYS B 507 2.19 -1.68 -4.92
C LYS B 507 3.53 -2.43 -4.82
N GLY B 508 4.17 -2.29 -3.66
CA GLY B 508 5.34 -3.09 -3.32
C GLY B 508 6.64 -2.59 -3.97
N VAL B 509 6.58 -1.37 -4.53
CA VAL B 509 7.79 -0.72 -5.01
C VAL B 509 8.66 -0.32 -3.82
N ILE B 510 9.98 -0.46 -3.99
CA ILE B 510 10.89 -0.07 -2.95
C ILE B 510 11.63 1.20 -3.39
N MET B 511 11.49 2.28 -2.62
CA MET B 511 12.05 3.59 -2.96
C MET B 511 12.70 4.14 -1.71
N PRO B 512 13.97 3.80 -1.43
CA PRO B 512 14.66 4.30 -0.24
C PRO B 512 14.88 5.81 -0.38
N GLY B 513 15.42 6.41 0.66
CA GLY B 513 15.53 7.86 0.68
C GLY B 513 16.63 8.40 -0.23
N THR B 514 17.37 7.51 -0.92
CA THR B 514 18.53 7.87 -1.73
C THR B 514 18.09 8.05 -3.19
N GLY B 515 16.82 7.80 -3.50
CA GLY B 515 16.30 8.19 -4.79
C GLY B 515 16.32 7.08 -5.84
N GLU B 516 16.61 5.84 -5.44
CA GLU B 516 16.51 4.69 -6.34
C GLU B 516 15.14 4.06 -6.29
N VAL B 517 14.85 3.19 -7.25
CA VAL B 517 13.63 2.40 -7.29
C VAL B 517 13.94 0.95 -7.66
N TYR B 518 13.39 0.01 -6.87
CA TYR B 518 13.46 -1.41 -7.14
C TYR B 518 12.08 -2.01 -7.36
N PHE B 519 11.89 -2.73 -8.47
CA PHE B 519 10.61 -3.37 -8.77
C PHE B 519 10.56 -4.86 -8.39
N ARG B 520 11.62 -5.36 -7.76
CA ARG B 520 11.77 -6.76 -7.34
C ARG B 520 10.44 -7.36 -6.87
N ASN B 521 9.79 -6.68 -5.92
CA ASN B 521 8.63 -7.25 -5.22
C ASN B 521 7.35 -6.48 -5.55
N ALA B 522 7.40 -5.62 -6.57
CA ALA B 522 6.24 -4.86 -7.01
C ALA B 522 5.21 -5.74 -7.73
N TYR B 523 3.93 -5.32 -7.64
CA TYR B 523 2.82 -6.06 -8.21
C TYR B 523 1.64 -5.11 -8.42
N PHE B 524 0.75 -5.49 -9.36
CA PHE B 524 -0.51 -4.81 -9.52
C PHE B 524 -1.60 -5.53 -8.73
N LYS B 525 -2.25 -4.79 -7.84
CA LYS B 525 -3.43 -5.32 -7.16
C LYS B 525 -4.63 -5.11 -8.08
N SER C 1 -22.38 -9.43 8.54
CA SER C 1 -23.28 -9.10 9.68
C SER C 1 -24.41 -10.11 9.75
N ASN C 2 -24.95 -10.27 10.96
CA ASN C 2 -26.06 -11.18 11.24
C ASN C 2 -27.34 -10.59 10.63
N SER C 3 -28.04 -11.36 9.82
CA SER C 3 -29.22 -10.94 9.10
C SER C 3 -30.47 -11.40 9.84
N SER C 4 -31.33 -10.42 10.18
CA SER C 4 -32.58 -10.68 10.86
C SER C 4 -33.51 -11.55 9.98
N SER D 1 25.44 8.99 -7.36
CA SER D 1 25.35 8.68 -8.82
C SER D 1 24.83 9.94 -9.54
N ASN D 2 25.25 10.10 -10.79
CA ASN D 2 24.83 11.24 -11.62
C ASN D 2 23.36 11.07 -11.98
N SER D 3 22.56 12.13 -11.70
CA SER D 3 21.14 12.11 -11.98
C SER D 3 20.86 12.83 -13.29
N SER D 4 20.16 12.11 -14.18
CA SER D 4 19.77 12.61 -15.50
C SER D 4 18.78 13.78 -15.31
#